data_8H8F
#
_entry.id   8H8F
#
_cell.length_a   1.00
_cell.length_b   1.00
_cell.length_c   1.00
_cell.angle_alpha   90.00
_cell.angle_beta   90.00
_cell.angle_gamma   90.00
#
_symmetry.space_group_name_H-M   'P 1'
#
_entity_poly.entity_id   1
_entity_poly.type   'polypeptide(L)'
_entity_poly.pdbx_seq_one_letter_code
;MEAIRKELSRSYQELNEEAEPVAIDPEEAEDEEKEQEEAASAVAPDRDSDRSSPPVRFSRTCLKNFFSVLLILVYLLLMG
VAVFLVYQTITDFRDKLKHPVMSVSYKEVNMYDAPGIALYPGKARLLSCEHHWYDHIPPLKDPGQPGENTCVTQDISYID
PYTNKTMKHALIVQGPRDVRRRELVFLQFHLNETKQDFSAIDYLLFSSYEAFLKSHDQVKFMQDCESSFSSWKFSGGFRT
WVKMSLVKTKEEDGSQSVEFRQETSVVNFIDRRETPDKGDQLFFVVFEWKDPYIQEIQDIITANPWSMIALLCSVFLVLF
KAADFAKLSVKWMIKVRRRHLKKRARELNHIS
;
_entity_poly.pdbx_strand_id   A,B,C
#
# COMPACT_ATOMS: atom_id res chain seq x y z
N MET A 79 39.92 31.18 15.57
CA MET A 79 40.53 29.93 15.12
C MET A 79 39.77 28.72 15.65
N GLY A 80 39.49 28.72 16.95
CA GLY A 80 38.68 27.66 17.52
C GLY A 80 37.27 27.62 16.92
N VAL A 81 36.71 28.80 16.64
CA VAL A 81 35.43 28.86 15.94
C VAL A 81 35.54 28.21 14.58
N ALA A 82 36.63 28.48 13.86
CA ALA A 82 36.83 27.88 12.54
C ALA A 82 36.92 26.36 12.63
N VAL A 83 37.68 25.85 13.60
CA VAL A 83 37.86 24.40 13.67
C VAL A 83 36.57 23.72 14.09
N PHE A 84 35.82 24.32 15.02
CA PHE A 84 34.53 23.73 15.39
C PHE A 84 33.56 23.77 14.23
N LEU A 85 33.54 24.87 13.47
CA LEU A 85 32.64 24.95 12.33
C LEU A 85 32.99 23.93 11.26
N VAL A 86 34.28 23.76 10.98
CA VAL A 86 34.67 22.79 9.94
C VAL A 86 34.40 21.37 10.42
N TYR A 87 34.59 21.10 11.71
CA TYR A 87 34.27 19.77 12.24
C TYR A 87 32.78 19.47 12.10
N GLN A 88 31.93 20.41 12.53
CA GLN A 88 30.49 20.18 12.42
C GLN A 88 30.05 20.05 10.97
N THR A 89 30.65 20.84 10.07
CA THR A 89 30.29 20.78 8.66
C THR A 89 30.68 19.45 8.05
N ILE A 90 31.88 18.94 8.37
CA ILE A 90 32.30 17.67 7.80
C ILE A 90 31.45 16.53 8.36
N THR A 91 31.10 16.59 9.65
CA THR A 91 30.21 15.57 10.20
C THR A 91 28.83 15.62 9.56
N ASP A 92 28.32 16.82 9.31
CA ASP A 92 27.02 16.94 8.62
C ASP A 92 27.11 16.36 7.21
N PHE A 93 28.21 16.60 6.51
CA PHE A 93 28.35 16.04 5.17
C PHE A 93 28.43 14.52 5.21
N ARG A 94 29.12 13.97 6.20
CA ARG A 94 29.13 12.51 6.37
C ARG A 94 27.72 11.97 6.61
N ASP A 95 26.95 12.65 7.47
CA ASP A 95 25.58 12.21 7.72
C ASP A 95 24.75 12.27 6.45
N LYS A 96 24.91 13.32 5.65
CA LYS A 96 24.15 13.45 4.41
C LYS A 96 24.54 12.37 3.40
N LEU A 97 25.83 12.09 3.29
CA LEU A 97 26.28 11.13 2.27
C LEU A 97 26.00 9.69 2.66
N LYS A 98 25.95 9.39 3.97
CA LYS A 98 25.76 8.01 4.39
C LYS A 98 24.38 7.47 4.02
N HIS A 99 23.42 8.35 3.72
CA HIS A 99 22.09 7.92 3.30
C HIS A 99 21.46 8.99 2.41
N PRO A 100 20.92 8.64 1.25
CA PRO A 100 20.32 9.64 0.37
C PRO A 100 18.85 9.86 0.66
N VAL A 101 18.21 10.73 -0.12
CA VAL A 101 16.79 11.01 0.01
C VAL A 101 16.08 10.45 -1.22
N MET A 102 14.79 10.19 -1.06
CA MET A 102 13.97 9.58 -2.10
C MET A 102 12.90 10.55 -2.56
N SER A 103 12.64 10.56 -3.86
CA SER A 103 11.63 11.42 -4.47
C SER A 103 10.76 10.58 -5.41
N VAL A 104 9.54 11.05 -5.63
CA VAL A 104 8.57 10.35 -6.47
C VAL A 104 8.15 11.27 -7.61
N SER A 105 7.65 10.65 -8.67
CA SER A 105 7.18 11.37 -9.85
C SER A 105 6.23 10.47 -10.62
N TYR A 106 5.47 11.07 -11.53
CA TYR A 106 4.47 10.36 -12.30
C TYR A 106 4.68 10.62 -13.79
N LYS A 107 4.22 9.69 -14.61
CA LYS A 107 4.30 9.82 -16.05
C LYS A 107 3.07 9.17 -16.67
N GLU A 108 2.53 9.82 -17.70
CA GLU A 108 1.34 9.35 -18.40
C GLU A 108 1.77 8.68 -19.69
N VAL A 109 1.16 7.53 -19.99
CA VAL A 109 1.44 6.78 -21.22
C VAL A 109 0.16 6.73 -22.04
N ASN A 110 0.30 6.99 -23.34
CA ASN A 110 -0.87 6.93 -24.22
C ASN A 110 -1.38 5.51 -24.36
N MET A 111 -0.49 4.57 -24.66
CA MET A 111 -0.80 3.15 -24.70
C MET A 111 0.22 2.41 -23.86
N TYR A 112 -0.27 1.64 -22.89
CA TYR A 112 0.62 0.84 -22.07
C TYR A 112 1.30 -0.23 -22.91
N ASP A 113 2.57 -0.48 -22.63
CA ASP A 113 3.24 -1.63 -23.21
C ASP A 113 2.60 -2.90 -22.65
N ALA A 114 2.23 -3.81 -23.53
CA ALA A 114 1.45 -4.97 -23.12
C ALA A 114 2.33 -5.97 -22.38
N PRO A 115 2.08 -6.22 -21.10
CA PRO A 115 2.91 -7.18 -20.37
C PRO A 115 2.52 -8.62 -20.70
N GLY A 116 3.05 -9.55 -19.92
CA GLY A 116 2.70 -10.96 -20.13
C GLY A 116 2.34 -11.58 -18.81
N ILE A 117 1.24 -12.30 -18.75
CA ILE A 117 0.78 -12.87 -17.46
C ILE A 117 1.10 -14.35 -17.53
N ALA A 118 1.80 -14.89 -16.55
CA ALA A 118 2.21 -16.30 -16.68
C ALA A 118 1.35 -17.11 -15.73
N LEU A 119 0.69 -18.14 -16.24
CA LEU A 119 -0.22 -18.92 -15.38
C LEU A 119 0.21 -20.38 -15.45
N TYR A 120 0.27 -21.06 -14.31
CA TYR A 120 0.61 -22.50 -14.34
C TYR A 120 -0.70 -23.26 -14.37
N PRO A 121 -1.05 -23.83 -15.53
CA PRO A 121 -2.27 -24.57 -15.66
C PRO A 121 -2.20 -25.79 -14.76
N GLY A 122 -1.04 -26.43 -14.71
CA GLY A 122 -0.97 -27.70 -13.96
C GLY A 122 -2.00 -28.65 -14.53
N LYS A 123 -2.83 -29.26 -13.69
CA LYS A 123 -3.94 -30.12 -14.17
C LYS A 123 -4.92 -29.26 -14.96
N ALA A 124 -5.17 -28.01 -14.56
CA ALA A 124 -6.28 -27.22 -15.15
C ALA A 124 -6.15 -27.01 -16.66
N ARG A 125 -7.27 -26.95 -17.36
CA ARG A 125 -7.28 -26.77 -18.84
C ARG A 125 -7.93 -25.44 -19.20
N LEU A 126 -7.36 -24.63 -20.09
CA LEU A 126 -8.02 -23.31 -20.35
C LEU A 126 -9.30 -23.53 -21.16
N LEU A 127 -10.25 -22.63 -21.01
CA LEU A 127 -11.47 -22.69 -21.79
C LEU A 127 -11.61 -21.50 -22.75
N SER A 128 -11.49 -20.27 -22.26
CA SER A 128 -11.69 -19.11 -23.12
C SER A 128 -10.90 -17.92 -22.58
N CYS A 129 -10.05 -17.35 -23.42
CA CYS A 129 -9.33 -16.11 -23.11
C CYS A 129 -9.84 -15.03 -24.04
N GLU A 130 -10.53 -14.04 -23.49
CA GLU A 130 -11.17 -12.99 -24.29
C GLU A 130 -10.70 -11.62 -23.81
N HIS A 131 -10.68 -10.66 -24.73
CA HIS A 131 -10.28 -9.29 -24.44
C HIS A 131 -11.50 -8.38 -24.65
N HIS A 132 -11.75 -7.52 -23.67
CA HIS A 132 -12.87 -6.58 -23.72
C HIS A 132 -12.29 -5.17 -23.77
N TRP A 133 -12.17 -4.63 -24.98
CA TRP A 133 -11.44 -3.38 -25.19
C TRP A 133 -12.21 -2.19 -24.64
N TYR A 134 -13.52 -2.13 -24.91
CA TYR A 134 -14.34 -1.01 -24.49
C TYR A 134 -15.66 -1.40 -23.85
N ASP A 135 -16.17 -2.61 -24.10
CA ASP A 135 -17.46 -3.00 -23.57
C ASP A 135 -17.43 -2.99 -22.04
N HIS A 136 -18.41 -2.32 -21.44
CA HIS A 136 -18.44 -2.22 -19.99
C HIS A 136 -18.70 -3.58 -19.34
N ILE A 137 -19.61 -4.35 -19.91
CA ILE A 137 -20.04 -5.60 -19.30
C ILE A 137 -19.54 -6.78 -20.11
N PRO A 138 -19.05 -7.84 -19.48
CA PRO A 138 -18.78 -9.08 -20.21
C PRO A 138 -20.07 -9.82 -20.48
N PRO A 139 -20.32 -10.19 -21.74
CA PRO A 139 -21.58 -10.86 -22.07
C PRO A 139 -21.72 -12.19 -21.31
N LEU A 140 -22.96 -12.52 -20.99
CA LEU A 140 -23.26 -13.71 -20.21
C LEU A 140 -22.71 -14.95 -20.91
N LYS A 141 -22.04 -15.80 -20.15
CA LYS A 141 -21.29 -16.93 -20.67
C LYS A 141 -22.01 -18.24 -20.34
N ASP A 142 -21.46 -19.33 -20.86
CA ASP A 142 -21.96 -20.67 -20.60
C ASP A 142 -20.83 -21.52 -20.02
N PRO A 143 -20.76 -21.67 -18.69
CA PRO A 143 -19.66 -22.41 -18.09
C PRO A 143 -19.69 -23.90 -18.43
N GLY A 144 -18.51 -24.49 -18.48
CA GLY A 144 -18.36 -25.91 -18.73
C GLY A 144 -18.01 -26.31 -20.15
N GLN A 145 -17.84 -25.35 -21.06
CA GLN A 145 -17.50 -25.66 -22.44
C GLN A 145 -16.30 -24.84 -22.89
N PRO A 146 -15.42 -25.43 -23.68
CA PRO A 146 -14.26 -24.70 -24.21
C PRO A 146 -14.63 -23.90 -25.45
N GLY A 147 -13.63 -23.27 -26.04
CA GLY A 147 -13.80 -22.47 -27.24
C GLY A 147 -13.62 -20.99 -26.97
N GLU A 148 -13.75 -20.21 -28.05
CA GLU A 148 -13.59 -18.76 -28.00
C GLU A 148 -12.21 -18.37 -27.45
N ASN A 149 -11.16 -18.81 -28.14
CA ASN A 149 -9.79 -18.53 -27.74
C ASN A 149 -9.23 -17.46 -28.65
N THR A 150 -9.37 -16.21 -28.23
CA THR A 150 -8.84 -15.04 -28.94
C THR A 150 -7.64 -14.45 -28.23
N CYS A 151 -6.78 -15.31 -27.69
CA CYS A 151 -5.71 -14.90 -26.78
C CYS A 151 -4.36 -15.23 -27.40
N VAL A 152 -3.37 -14.37 -27.15
CA VAL A 152 -2.02 -14.59 -27.64
C VAL A 152 -1.31 -15.48 -26.62
N THR A 153 -1.33 -16.78 -26.86
CA THR A 153 -0.88 -17.78 -25.89
C THR A 153 0.38 -18.47 -26.38
N GLN A 154 1.25 -18.81 -25.43
CA GLN A 154 2.51 -19.48 -25.72
C GLN A 154 2.86 -20.34 -24.51
N ASP A 155 2.67 -21.65 -24.62
CA ASP A 155 2.85 -22.56 -23.49
C ASP A 155 3.94 -23.57 -23.81
N ILE A 156 5.01 -23.57 -23.01
CA ILE A 156 6.08 -24.55 -23.11
C ILE A 156 6.45 -25.00 -21.71
N SER A 157 6.66 -26.31 -21.55
CA SER A 157 7.09 -26.84 -20.27
C SER A 157 8.50 -26.37 -19.95
N TYR A 158 8.73 -26.03 -18.68
CA TYR A 158 9.96 -25.39 -18.23
C TYR A 158 10.58 -26.21 -17.11
N ILE A 159 11.61 -25.65 -16.48
CA ILE A 159 12.26 -26.26 -15.32
C ILE A 159 12.58 -25.17 -14.31
N ASP A 160 12.25 -25.43 -13.05
CA ASP A 160 12.46 -24.47 -11.96
C ASP A 160 13.96 -24.27 -11.74
N PRO A 161 14.48 -23.04 -11.85
CA PRO A 161 15.89 -22.82 -11.51
C PRO A 161 16.17 -22.75 -10.02
N TYR A 162 15.15 -22.57 -9.19
CA TYR A 162 15.36 -22.49 -7.75
C TYR A 162 15.89 -23.81 -7.19
N THR A 163 15.37 -24.93 -7.69
CA THR A 163 15.83 -26.25 -7.29
C THR A 163 16.58 -26.98 -8.38
N ASN A 164 16.26 -26.74 -9.65
CA ASN A 164 16.87 -27.33 -10.84
C ASN A 164 16.62 -28.82 -10.97
N LYS A 165 15.91 -29.44 -10.02
CA LYS A 165 15.51 -30.83 -10.12
C LYS A 165 14.01 -31.01 -10.17
N THR A 166 13.25 -29.91 -10.21
CA THR A 166 11.80 -29.93 -10.27
C THR A 166 11.33 -29.38 -11.61
N MET A 167 10.18 -29.86 -12.06
CA MET A 167 9.60 -29.47 -13.34
C MET A 167 8.42 -28.55 -13.11
N LYS A 168 8.50 -27.34 -13.65
CA LYS A 168 7.39 -26.40 -13.64
C LYS A 168 6.88 -26.23 -15.06
N HIS A 169 5.56 -26.16 -15.21
CA HIS A 169 4.93 -25.95 -16.50
C HIS A 169 4.11 -24.67 -16.45
N ALA A 170 4.15 -23.90 -17.53
CA ALA A 170 3.52 -22.59 -17.58
C ALA A 170 2.77 -22.42 -18.89
N LEU A 171 1.84 -21.47 -18.89
CA LEU A 171 1.19 -20.97 -20.09
C LEU A 171 1.23 -19.45 -20.06
N ILE A 172 1.76 -18.84 -21.11
CA ILE A 172 2.05 -17.42 -21.14
C ILE A 172 1.07 -16.73 -22.08
N VAL A 173 0.55 -15.58 -21.66
CA VAL A 173 -0.43 -14.82 -22.42
C VAL A 173 0.02 -13.37 -22.52
N GLN A 174 -0.58 -12.64 -23.45
CA GLN A 174 -0.31 -11.21 -23.60
C GLN A 174 -1.35 -10.41 -22.84
N GLY A 175 -0.89 -9.41 -22.09
CA GLY A 175 -1.75 -8.68 -21.19
C GLY A 175 -2.54 -7.61 -21.90
N PRO A 176 -3.26 -6.80 -21.10
CA PRO A 176 -4.08 -5.72 -21.65
C PRO A 176 -3.22 -4.55 -22.11
N ARG A 177 -3.58 -3.96 -23.25
CA ARG A 177 -2.72 -2.94 -23.85
C ARG A 177 -3.19 -1.53 -23.53
N ASP A 178 -4.40 -1.16 -23.93
CA ASP A 178 -4.87 0.22 -23.87
C ASP A 178 -5.65 0.44 -22.58
N VAL A 179 -5.36 1.55 -21.91
CA VAL A 179 -5.97 1.81 -20.61
C VAL A 179 -7.08 2.85 -20.73
N ARG A 180 -7.00 3.71 -21.76
CA ARG A 180 -8.02 4.74 -21.95
C ARG A 180 -9.42 4.13 -22.07
N ARG A 181 -9.58 3.16 -22.96
CA ARG A 181 -10.73 2.28 -22.96
C ARG A 181 -10.37 1.05 -22.15
N ARG A 182 -11.11 0.80 -21.08
CA ARG A 182 -10.76 -0.26 -20.16
C ARG A 182 -10.69 -1.60 -20.89
N GLU A 183 -9.48 -2.14 -21.00
CA GLU A 183 -9.26 -3.44 -21.63
C GLU A 183 -9.00 -4.46 -20.55
N LEU A 184 -9.86 -5.46 -20.46
CA LEU A 184 -9.73 -6.54 -19.49
C LEU A 184 -9.60 -7.85 -20.26
N VAL A 185 -8.64 -8.68 -19.86
CA VAL A 185 -8.59 -10.04 -20.39
C VAL A 185 -9.36 -10.95 -19.46
N PHE A 186 -10.27 -11.74 -20.04
CA PHE A 186 -11.14 -12.62 -19.28
C PHE A 186 -10.72 -14.06 -19.55
N LEU A 187 -10.38 -14.78 -18.49
CA LEU A 187 -9.84 -16.13 -18.61
C LEU A 187 -10.72 -17.10 -17.84
N GLN A 188 -11.24 -18.12 -18.54
CA GLN A 188 -11.98 -19.18 -17.90
C GLN A 188 -11.05 -20.37 -17.68
N PHE A 189 -11.17 -20.99 -16.51
CA PHE A 189 -10.31 -22.12 -16.17
C PHE A 189 -11.16 -23.19 -15.49
N HIS A 190 -11.14 -24.39 -16.05
CA HIS A 190 -11.82 -25.54 -15.46
C HIS A 190 -10.78 -26.56 -15.01
N LEU A 191 -10.87 -26.96 -13.74
CA LEU A 191 -9.93 -27.90 -13.14
C LEU A 191 -10.65 -29.22 -12.93
N ASN A 192 -10.05 -30.30 -13.41
CA ASN A 192 -10.60 -31.63 -13.17
C ASN A 192 -10.48 -31.97 -11.68
N GLU A 193 -11.18 -33.04 -11.29
CA GLU A 193 -11.22 -33.44 -9.89
C GLU A 193 -9.82 -33.75 -9.37
N THR A 194 -9.52 -33.25 -8.18
CA THR A 194 -8.20 -33.41 -7.57
C THR A 194 -8.35 -33.74 -6.09
N LYS A 195 -7.28 -34.28 -5.51
CA LYS A 195 -7.31 -34.68 -4.11
C LYS A 195 -7.06 -33.49 -3.19
N GLN A 196 -6.37 -32.47 -3.67
CA GLN A 196 -5.94 -31.37 -2.82
C GLN A 196 -7.14 -30.61 -2.25
N ASP A 197 -7.03 -30.25 -0.97
CA ASP A 197 -8.15 -29.61 -0.29
C ASP A 197 -8.35 -28.17 -0.75
N PHE A 198 -7.26 -27.45 -1.00
CA PHE A 198 -7.32 -26.04 -1.36
C PHE A 198 -6.81 -25.86 -2.77
N SER A 199 -7.70 -25.49 -3.69
CA SER A 199 -7.40 -25.44 -5.12
C SER A 199 -7.16 -23.99 -5.53
N ALA A 200 -6.00 -23.73 -6.12
CA ALA A 200 -5.65 -22.42 -6.63
C ALA A 200 -4.60 -22.58 -7.72
N ILE A 201 -4.52 -21.59 -8.60
CA ILE A 201 -3.58 -21.58 -9.70
C ILE A 201 -2.63 -20.41 -9.52
N ASP A 202 -1.33 -20.68 -9.50
CA ASP A 202 -0.33 -19.64 -9.35
C ASP A 202 -0.19 -18.84 -10.63
N TYR A 203 0.28 -17.61 -10.50
CA TYR A 203 0.54 -16.79 -11.67
C TYR A 203 1.65 -15.80 -11.38
N LEU A 204 2.21 -15.25 -12.46
CA LEU A 204 3.37 -14.37 -12.37
C LEU A 204 3.30 -13.36 -13.51
N LEU A 205 3.81 -12.17 -13.26
CA LEU A 205 3.78 -11.09 -14.24
C LEU A 205 5.19 -10.60 -14.53
N PHE A 206 5.50 -10.36 -15.80
CA PHE A 206 6.73 -9.72 -16.19
C PHE A 206 6.43 -8.49 -17.05
N SER A 207 7.48 -7.71 -17.32
CA SER A 207 7.29 -6.35 -17.79
C SER A 207 6.66 -6.30 -19.18
N SER A 208 7.20 -7.04 -20.13
CA SER A 208 6.73 -6.96 -21.50
C SER A 208 6.72 -8.34 -22.14
N TYR A 209 5.86 -8.48 -23.15
CA TYR A 209 5.71 -9.75 -23.86
C TYR A 209 6.57 -9.83 -25.12
N GLU A 210 6.68 -8.73 -25.86
CA GLU A 210 7.45 -8.76 -27.10
C GLU A 210 8.93 -9.05 -26.85
N ALA A 211 9.45 -8.61 -25.70
CA ALA A 211 10.84 -8.91 -25.35
C ALA A 211 11.04 -10.39 -25.03
N PHE A 212 10.00 -11.06 -24.54
CA PHE A 212 10.08 -12.49 -24.29
C PHE A 212 9.79 -13.30 -25.54
N LEU A 213 9.10 -12.72 -26.52
CA LEU A 213 8.65 -13.47 -27.69
C LEU A 213 9.73 -13.58 -28.76
N LYS A 214 10.42 -12.48 -29.04
CA LYS A 214 11.28 -12.42 -30.22
C LYS A 214 12.77 -12.54 -29.94
N SER A 215 13.27 -11.94 -28.85
CA SER A 215 14.70 -11.93 -28.60
C SER A 215 15.22 -13.34 -28.30
N HIS A 216 16.55 -13.49 -28.34
CA HIS A 216 17.21 -14.78 -28.19
C HIS A 216 17.41 -15.14 -26.72
N ASP A 217 17.37 -16.44 -26.45
CA ASP A 217 17.56 -16.99 -25.11
C ASP A 217 16.59 -16.37 -24.11
N GLN A 218 15.30 -16.64 -24.34
CA GLN A 218 14.25 -16.26 -23.41
C GLN A 218 13.82 -17.40 -22.49
N VAL A 219 14.21 -18.63 -22.81
CA VAL A 219 13.94 -19.76 -21.92
C VAL A 219 14.60 -19.52 -20.57
N LYS A 220 15.85 -19.04 -20.58
CA LYS A 220 16.50 -18.66 -19.34
C LYS A 220 15.99 -17.31 -18.83
N PHE A 221 15.39 -16.51 -19.72
CA PHE A 221 14.74 -15.28 -19.27
C PHE A 221 13.63 -15.59 -18.29
N MET A 222 12.84 -16.63 -18.57
CA MET A 222 11.81 -17.04 -17.62
C MET A 222 12.44 -17.38 -16.27
N GLN A 223 13.59 -18.07 -16.29
CA GLN A 223 14.25 -18.44 -15.04
C GLN A 223 14.65 -17.21 -14.24
N ASP A 224 15.33 -16.24 -14.87
CA ASP A 224 15.76 -15.10 -14.05
C ASP A 224 14.59 -14.20 -13.68
N CYS A 225 13.55 -14.15 -14.52
CA CYS A 225 12.38 -13.34 -14.17
C CYS A 225 11.65 -13.92 -12.97
N GLU A 226 11.48 -15.25 -12.94
CA GLU A 226 10.82 -15.85 -11.79
C GLU A 226 11.72 -15.79 -10.56
N SER A 227 13.04 -15.78 -10.75
CA SER A 227 13.94 -15.61 -9.61
C SER A 227 13.93 -14.18 -9.10
N SER A 228 13.57 -13.21 -9.95
CA SER A 228 13.47 -11.82 -9.55
C SER A 228 12.05 -11.45 -9.16
N PHE A 229 11.09 -11.68 -10.05
CA PHE A 229 9.70 -11.34 -9.77
C PHE A 229 9.11 -12.32 -8.76
N SER A 230 7.98 -11.92 -8.17
CA SER A 230 7.28 -12.72 -7.18
C SER A 230 5.97 -13.23 -7.75
N SER A 231 5.59 -14.44 -7.36
CA SER A 231 4.38 -15.08 -7.84
C SER A 231 3.39 -15.27 -6.70
N TRP A 232 2.15 -14.85 -6.93
CA TRP A 232 1.07 -14.98 -5.95
C TRP A 232 -0.12 -15.65 -6.63
N LYS A 233 -0.62 -16.71 -6.02
CA LYS A 233 -1.69 -17.52 -6.59
C LYS A 233 -3.04 -16.85 -6.36
N PHE A 234 -3.93 -16.95 -7.33
CA PHE A 234 -5.28 -16.43 -7.20
C PHE A 234 -6.21 -17.53 -6.72
N SER A 235 -7.25 -17.12 -6.00
CA SER A 235 -8.18 -18.07 -5.40
C SER A 235 -8.93 -18.85 -6.48
N GLY A 236 -9.16 -20.13 -6.19
CA GLY A 236 -9.84 -21.03 -7.10
C GLY A 236 -11.28 -21.25 -6.65
N GLY A 237 -12.21 -20.79 -7.48
CA GLY A 237 -13.62 -20.92 -7.19
C GLY A 237 -14.44 -19.71 -7.58
N PHE A 238 -13.81 -18.53 -7.62
CA PHE A 238 -14.53 -17.30 -7.95
C PHE A 238 -13.58 -16.32 -8.62
N ARG A 239 -14.16 -15.30 -9.23
CA ARG A 239 -13.37 -14.29 -9.92
C ARG A 239 -12.42 -13.59 -8.98
N THR A 240 -11.24 -13.26 -9.50
CA THR A 240 -10.27 -12.41 -8.81
C THR A 240 -9.95 -11.28 -9.78
N TRP A 241 -10.76 -10.21 -9.74
CA TRP A 241 -10.50 -9.06 -10.60
C TRP A 241 -9.20 -8.40 -10.19
N VAL A 242 -8.19 -8.52 -11.04
CA VAL A 242 -6.85 -8.02 -10.75
C VAL A 242 -6.66 -6.71 -11.48
N LYS A 243 -6.35 -5.65 -10.73
CA LYS A 243 -6.03 -4.35 -11.28
C LYS A 243 -4.56 -4.07 -10.99
N MET A 244 -3.71 -4.22 -12.00
CA MET A 244 -2.28 -4.13 -11.83
C MET A 244 -1.78 -2.71 -12.12
N SER A 245 -0.54 -2.45 -11.71
CA SER A 245 0.10 -1.17 -11.94
C SER A 245 1.60 -1.40 -12.03
N LEU A 246 2.29 -0.41 -12.62
CA LEU A 246 3.71 -0.50 -12.90
C LEU A 246 4.44 0.60 -12.14
N VAL A 247 5.60 0.26 -11.58
CA VAL A 247 6.43 1.21 -10.86
C VAL A 247 7.85 1.09 -11.38
N LYS A 248 8.42 2.22 -11.81
CA LYS A 248 9.77 2.27 -12.34
C LYS A 248 10.65 3.03 -11.36
N THR A 249 11.54 2.31 -10.67
CA THR A 249 12.48 2.93 -9.76
C THR A 249 13.83 3.08 -10.46
N LYS A 250 14.37 4.29 -10.45
CA LYS A 250 15.58 4.63 -11.20
C LYS A 250 16.76 4.58 -10.25
N GLU A 251 17.38 3.41 -10.12
CA GLU A 251 18.60 3.29 -9.34
C GLU A 251 19.73 4.05 -10.03
N GLU A 252 20.65 4.56 -9.22
CA GLU A 252 21.64 5.51 -9.70
C GLU A 252 22.81 4.88 -10.45
N ASP A 253 22.98 3.57 -10.38
CA ASP A 253 24.12 2.91 -11.04
C ASP A 253 23.81 2.57 -12.49
N GLY A 254 23.30 3.55 -13.24
CA GLY A 254 23.12 3.42 -14.67
C GLY A 254 22.20 2.30 -15.11
N SER A 255 21.24 1.92 -14.28
CA SER A 255 20.32 0.85 -14.63
C SER A 255 18.91 1.22 -14.18
N GLN A 256 17.93 0.46 -14.65
CA GLN A 256 16.53 0.72 -14.37
C GLN A 256 15.87 -0.55 -13.87
N SER A 257 14.94 -0.40 -12.93
CA SER A 257 14.24 -1.53 -12.34
C SER A 257 12.74 -1.31 -12.45
N VAL A 258 12.01 -2.37 -12.81
CA VAL A 258 10.57 -2.32 -13.00
C VAL A 258 9.93 -3.40 -12.13
N GLU A 259 8.91 -3.02 -11.37
CA GLU A 259 8.18 -3.96 -10.55
C GLU A 259 6.69 -3.68 -10.68
N PHE A 260 5.88 -4.71 -10.45
CA PHE A 260 4.44 -4.64 -10.62
C PHE A 260 3.76 -4.66 -9.26
N ARG A 261 2.85 -3.71 -9.05
CA ARG A 261 1.99 -3.68 -7.87
C ARG A 261 0.56 -3.88 -8.31
N GLN A 262 -0.15 -4.78 -7.64
CA GLN A 262 -1.50 -5.13 -8.04
C GLN A 262 -2.39 -5.25 -6.80
N GLU A 263 -3.69 -5.02 -7.01
CA GLU A 263 -4.70 -5.24 -6.00
C GLU A 263 -5.82 -6.08 -6.60
N THR A 264 -6.29 -7.07 -5.85
CA THR A 264 -7.27 -8.02 -6.35
C THR A 264 -8.63 -7.77 -5.69
N SER A 265 -9.68 -8.11 -6.43
CA SER A 265 -11.05 -7.99 -5.94
C SER A 265 -11.77 -9.30 -6.24
N VAL A 266 -12.04 -10.08 -5.21
CA VAL A 266 -12.74 -11.35 -5.37
C VAL A 266 -14.25 -11.09 -5.36
N VAL A 267 -14.97 -11.81 -6.22
CA VAL A 267 -16.42 -11.72 -6.30
C VAL A 267 -16.98 -13.13 -6.33
N ASN A 268 -17.85 -13.43 -5.37
CA ASN A 268 -18.44 -14.77 -5.30
C ASN A 268 -19.29 -15.04 -6.53
N PHE A 269 -19.33 -16.30 -6.95
CA PHE A 269 -20.04 -16.69 -8.17
C PHE A 269 -21.19 -17.61 -7.83
N ILE A 270 -22.28 -17.51 -8.60
CA ILE A 270 -23.42 -18.38 -8.38
C ILE A 270 -23.24 -19.67 -9.17
N ASP A 271 -23.13 -20.78 -8.46
CA ASP A 271 -22.94 -22.09 -9.07
C ASP A 271 -24.25 -22.82 -9.32
N ARG A 272 -25.39 -22.22 -8.98
CA ARG A 272 -26.68 -22.89 -9.16
C ARG A 272 -26.97 -23.16 -10.63
N ARG A 273 -26.61 -22.22 -11.50
CA ARG A 273 -26.88 -22.39 -12.92
C ARG A 273 -26.15 -23.61 -13.49
N GLU A 274 -24.86 -23.72 -13.22
CA GLU A 274 -24.13 -24.94 -13.51
C GLU A 274 -24.60 -26.04 -12.55
N THR A 275 -24.36 -27.29 -12.93
CA THR A 275 -24.66 -28.38 -12.03
C THR A 275 -23.46 -28.63 -11.12
N PRO A 276 -23.56 -28.32 -9.82
CA PRO A 276 -22.41 -28.50 -8.92
C PRO A 276 -22.33 -29.88 -8.27
N ASP A 277 -23.15 -30.84 -8.70
CA ASP A 277 -23.10 -32.17 -8.12
C ASP A 277 -21.74 -32.82 -8.32
N LYS A 278 -21.12 -32.60 -9.47
CA LYS A 278 -19.75 -33.05 -9.67
C LYS A 278 -18.79 -32.35 -8.71
N GLY A 279 -18.99 -31.04 -8.50
CA GLY A 279 -18.15 -30.28 -7.61
C GLY A 279 -16.83 -29.83 -8.19
N ASP A 280 -16.59 -30.06 -9.48
CA ASP A 280 -15.34 -29.63 -10.08
C ASP A 280 -15.23 -28.11 -10.05
N GLN A 281 -14.09 -27.62 -9.60
CA GLN A 281 -13.89 -26.19 -9.45
C GLN A 281 -13.72 -25.51 -10.80
N LEU A 282 -14.27 -24.30 -10.91
CA LEU A 282 -14.11 -23.45 -12.08
C LEU A 282 -13.51 -22.12 -11.66
N PHE A 283 -12.48 -21.69 -12.37
CA PHE A 283 -11.77 -20.47 -12.03
C PHE A 283 -12.11 -19.39 -13.05
N PHE A 284 -12.01 -18.13 -12.62
CA PHE A 284 -12.17 -16.98 -13.50
C PHE A 284 -11.23 -15.88 -13.06
N VAL A 285 -10.53 -15.27 -14.01
CA VAL A 285 -9.58 -14.20 -13.73
C VAL A 285 -9.83 -13.05 -14.70
N VAL A 286 -9.68 -11.82 -14.22
CA VAL A 286 -9.78 -10.63 -15.04
C VAL A 286 -8.63 -9.70 -14.69
N PHE A 287 -7.84 -9.32 -15.70
CA PHE A 287 -6.69 -8.44 -15.51
C PHE A 287 -6.98 -7.09 -16.16
N GLU A 288 -6.61 -6.02 -15.46
CA GLU A 288 -6.92 -4.68 -15.93
C GLU A 288 -5.84 -3.71 -15.45
N TRP A 289 -5.70 -2.61 -16.17
CA TRP A 289 -4.77 -1.55 -15.81
C TRP A 289 -5.48 -0.56 -14.89
N LYS A 290 -4.90 -0.33 -13.71
CA LYS A 290 -5.58 0.47 -12.70
C LYS A 290 -5.69 1.93 -13.11
N ASP A 291 -4.58 2.53 -13.54
CA ASP A 291 -4.58 3.93 -13.94
C ASP A 291 -3.52 4.13 -15.02
N PRO A 292 -3.75 5.04 -15.97
CA PRO A 292 -2.73 5.26 -17.01
C PRO A 292 -1.37 5.65 -16.45
N TYR A 293 -1.33 6.42 -15.36
CA TYR A 293 -0.08 6.92 -14.84
C TYR A 293 0.77 5.78 -14.28
N ILE A 294 2.09 5.90 -14.46
CA ILE A 294 3.05 4.98 -13.86
C ILE A 294 3.88 5.78 -12.86
N GLN A 295 4.19 5.17 -11.74
CA GLN A 295 4.96 5.88 -10.72
C GLN A 295 6.46 5.70 -10.95
N GLU A 296 7.18 6.80 -10.95
CA GLU A 296 8.63 6.80 -11.10
C GLU A 296 9.25 7.35 -9.83
N ILE A 297 10.17 6.57 -9.25
CA ILE A 297 10.82 6.91 -7.99
C ILE A 297 12.31 7.07 -8.23
N GLN A 298 12.86 8.19 -7.78
CA GLN A 298 14.27 8.49 -7.91
C GLN A 298 14.88 8.77 -6.55
N ASP A 299 16.09 8.26 -6.32
CA ASP A 299 16.83 8.50 -5.11
C ASP A 299 17.81 9.64 -5.35
N ILE A 300 17.74 10.67 -4.53
CA ILE A 300 18.48 11.91 -4.74
C ILE A 300 19.55 12.04 -3.66
N ILE A 301 20.78 12.32 -4.09
CA ILE A 301 21.83 12.70 -3.16
C ILE A 301 21.66 14.19 -2.81
N THR A 302 21.74 14.50 -1.52
CA THR A 302 21.32 15.82 -1.06
C THR A 302 22.45 16.82 -0.90
N ALA A 303 23.71 16.38 -0.92
CA ALA A 303 24.82 17.28 -0.67
C ALA A 303 25.95 17.01 -1.66
N ASN A 304 26.74 18.04 -1.92
CA ASN A 304 27.89 17.97 -2.81
C ASN A 304 29.10 18.63 -2.16
N PRO A 305 30.31 18.16 -2.47
CA PRO A 305 31.50 18.74 -1.83
C PRO A 305 31.78 20.17 -2.24
N TRP A 306 31.34 20.59 -3.42
CA TRP A 306 31.64 21.94 -3.89
C TRP A 306 31.01 22.98 -2.97
N SER A 307 29.76 22.76 -2.57
CA SER A 307 29.08 23.72 -1.71
C SER A 307 29.79 23.85 -0.36
N MET A 308 30.16 22.71 0.24
CA MET A 308 30.81 22.77 1.54
C MET A 308 32.19 23.42 1.43
N ILE A 309 32.93 23.13 0.35
CA ILE A 309 34.27 23.68 0.24
C ILE A 309 34.21 25.17 0.00
N ALA A 310 33.23 25.63 -0.79
CA ALA A 310 33.05 27.07 -0.97
C ALA A 310 32.65 27.73 0.33
N LEU A 311 31.76 27.10 1.11
CA LEU A 311 31.33 27.69 2.36
C LEU A 311 32.47 27.78 3.37
N LEU A 312 33.28 26.73 3.48
CA LEU A 312 34.40 26.75 4.42
C LEU A 312 35.47 27.73 3.96
N CYS A 313 35.70 27.85 2.65
CA CYS A 313 36.62 28.86 2.16
C CYS A 313 36.12 30.26 2.48
N SER A 314 34.81 30.48 2.33
CA SER A 314 34.23 31.78 2.66
C SER A 314 34.39 32.10 4.15
N VAL A 315 34.17 31.10 5.02
CA VAL A 315 34.31 31.36 6.45
C VAL A 315 35.78 31.59 6.81
N PHE A 316 36.70 30.88 6.14
CA PHE A 316 38.12 31.14 6.35
C PHE A 316 38.46 32.57 5.95
N LEU A 317 37.93 33.02 4.80
CA LEU A 317 38.19 34.38 4.34
C LEU A 317 37.63 35.42 5.30
N VAL A 318 36.41 35.20 5.80
CA VAL A 318 35.81 36.19 6.68
C VAL A 318 36.53 36.23 8.03
N LEU A 319 37.00 35.08 8.51
CA LEU A 319 37.78 35.10 9.75
C LEU A 319 39.15 35.74 9.54
N PHE A 320 39.75 35.56 8.36
CA PHE A 320 40.98 36.27 8.04
C PHE A 320 40.73 37.78 8.00
N LYS A 321 39.59 38.20 7.45
CA LYS A 321 39.25 39.62 7.44
C LYS A 321 39.05 40.15 8.86
N ALA A 322 38.40 39.36 9.72
CA ALA A 322 38.24 39.76 11.11
C ALA A 322 39.58 39.90 11.81
N ALA A 323 40.51 38.97 11.55
CA ALA A 323 41.84 39.07 12.12
C ALA A 323 42.56 40.30 11.62
N ASP A 324 42.39 40.62 10.33
CA ASP A 324 42.98 41.83 9.77
C ASP A 324 42.41 43.08 10.45
N PHE A 325 41.10 43.09 10.70
CA PHE A 325 40.48 44.21 11.41
C PHE A 325 41.02 44.34 12.82
N ALA A 326 41.19 43.21 13.51
CA ALA A 326 41.74 43.24 14.86
C ALA A 326 43.17 43.76 14.85
N LYS A 327 43.96 43.36 13.85
CA LYS A 327 45.33 43.89 13.73
C LYS A 327 45.30 45.39 13.46
N LEU A 328 44.37 45.85 12.62
CA LEU A 328 44.20 47.28 12.41
C LEU A 328 43.87 47.99 13.72
N SER A 329 43.07 47.35 14.57
CA SER A 329 42.74 47.89 15.88
C SER A 329 43.98 48.00 16.76
N MET B 79 22.22 48.06 0.76
CA MET B 79 21.67 47.80 2.08
C MET B 79 20.25 47.22 1.99
N GLY B 80 19.41 47.83 1.16
CA GLY B 80 18.08 47.28 0.93
C GLY B 80 18.14 45.88 0.33
N VAL B 81 19.08 45.66 -0.58
CA VAL B 81 19.27 44.31 -1.12
C VAL B 81 19.65 43.35 0.00
N ALA B 82 20.51 43.79 0.91
CA ALA B 82 20.92 42.95 2.03
C ALA B 82 19.74 42.58 2.91
N VAL B 83 18.91 43.58 3.25
CA VAL B 83 17.80 43.30 4.16
C VAL B 83 16.75 42.42 3.47
N PHE B 84 16.50 42.64 2.19
CA PHE B 84 15.55 41.77 1.48
C PHE B 84 16.10 40.34 1.39
N LEU B 85 17.40 40.20 1.13
CA LEU B 85 17.98 38.87 1.06
C LEU B 85 17.92 38.16 2.40
N VAL B 86 18.20 38.87 3.50
CA VAL B 86 18.15 38.22 4.80
C VAL B 86 16.72 37.87 5.16
N TYR B 87 15.75 38.70 4.78
CA TYR B 87 14.35 38.38 5.02
C TYR B 87 13.94 37.12 4.26
N GLN B 88 14.30 37.04 2.98
CA GLN B 88 13.96 35.87 2.19
C GLN B 88 14.62 34.62 2.76
N THR B 89 15.89 34.72 3.15
CA THR B 89 16.59 33.55 3.67
C THR B 89 16.01 33.10 5.00
N ILE B 90 15.65 34.04 5.89
CA ILE B 90 15.08 33.64 7.17
C ILE B 90 13.70 33.03 6.98
N THR B 91 12.91 33.56 6.03
CA THR B 91 11.62 32.93 5.75
C THR B 91 11.79 31.52 5.21
N ASP B 92 12.77 31.33 4.31
CA ASP B 92 13.05 30.01 3.78
C ASP B 92 13.49 29.06 4.88
N PHE B 93 14.33 29.54 5.80
CA PHE B 93 14.77 28.70 6.92
C PHE B 93 13.61 28.32 7.82
N ARG B 94 12.71 29.26 8.10
CA ARG B 94 11.55 28.94 8.92
C ARG B 94 10.67 27.90 8.23
N ASP B 95 10.47 28.05 6.93
CA ASP B 95 9.68 27.07 6.19
C ASP B 95 10.33 25.70 6.21
N LYS B 96 11.66 25.65 6.06
CA LYS B 96 12.37 24.38 6.11
C LYS B 96 12.26 23.75 7.49
N LEU B 97 12.32 24.57 8.54
CA LEU B 97 12.33 24.05 9.90
C LEU B 97 10.95 23.54 10.32
N LYS B 98 9.88 24.19 9.84
CA LYS B 98 8.55 23.85 10.33
C LYS B 98 8.12 22.46 9.91
N HIS B 99 8.59 21.96 8.77
CA HIS B 99 8.24 20.60 8.37
C HIS B 99 9.43 19.89 7.71
N PRO B 100 9.81 18.72 8.21
CA PRO B 100 10.98 18.02 7.66
C PRO B 100 10.66 17.18 6.43
N VAL B 101 11.66 16.43 5.95
CA VAL B 101 11.54 15.59 4.77
C VAL B 101 11.87 14.16 5.16
N MET B 102 11.10 13.21 4.62
CA MET B 102 11.26 11.80 4.93
C MET B 102 12.13 11.11 3.90
N SER B 103 12.85 10.07 4.35
CA SER B 103 13.66 9.23 3.49
C SER B 103 13.46 7.78 3.90
N VAL B 104 13.71 6.87 2.95
CA VAL B 104 13.50 5.45 3.17
C VAL B 104 14.82 4.71 2.96
N SER B 105 14.91 3.53 3.57
CA SER B 105 16.11 2.70 3.47
C SER B 105 15.70 1.24 3.68
N TYR B 106 16.54 0.35 3.17
CA TYR B 106 16.32 -1.09 3.26
C TYR B 106 17.50 -1.75 3.96
N LYS B 107 17.31 -2.99 4.41
CA LYS B 107 18.40 -3.75 4.98
C LYS B 107 18.06 -5.23 4.90
N GLU B 108 19.10 -6.06 4.79
CA GLU B 108 18.96 -7.50 4.75
C GLU B 108 19.16 -8.09 6.15
N VAL B 109 18.50 -9.22 6.40
CA VAL B 109 18.65 -9.95 7.64
C VAL B 109 18.91 -11.42 7.32
N ASN B 110 19.90 -12.01 8.02
CA ASN B 110 20.20 -13.41 7.80
C ASN B 110 19.07 -14.31 8.30
N MET B 111 18.58 -14.03 9.50
CA MET B 111 17.53 -14.84 10.11
C MET B 111 16.61 -13.91 10.89
N TYR B 112 15.35 -13.88 10.53
CA TYR B 112 14.40 -12.97 11.16
C TYR B 112 14.24 -13.32 12.63
N ASP B 113 14.04 -12.30 13.45
CA ASP B 113 13.71 -12.53 14.86
C ASP B 113 12.33 -13.16 14.95
N ALA B 114 12.22 -14.24 15.71
CA ALA B 114 10.98 -14.99 15.79
C ALA B 114 9.89 -14.16 16.45
N PRO B 115 8.89 -13.70 15.71
CA PRO B 115 7.87 -12.83 16.29
C PRO B 115 6.79 -13.66 16.99
N GLY B 116 5.76 -12.98 17.46
CA GLY B 116 4.65 -13.61 18.16
C GLY B 116 3.33 -13.23 17.53
N ILE B 117 2.47 -14.22 17.34
CA ILE B 117 1.14 -14.04 16.78
C ILE B 117 0.13 -14.26 17.90
N ALA B 118 -0.69 -13.24 18.16
CA ALA B 118 -1.71 -13.31 19.21
C ALA B 118 -3.05 -13.62 18.58
N LEU B 119 -3.72 -14.65 19.10
CA LEU B 119 -5.01 -15.09 18.58
C LEU B 119 -6.05 -15.03 19.69
N TYR B 120 -7.31 -14.85 19.30
CA TYR B 120 -8.44 -14.81 20.22
C TYR B 120 -9.46 -15.86 19.77
N PRO B 121 -9.17 -17.14 20.03
CA PRO B 121 -10.05 -18.21 19.51
C PRO B 121 -11.49 -18.12 19.99
N GLY B 122 -11.72 -17.68 21.22
CA GLY B 122 -13.06 -17.68 21.74
C GLY B 122 -13.52 -19.06 22.13
N LYS B 123 -14.42 -19.65 21.33
CA LYS B 123 -14.87 -21.02 21.54
C LYS B 123 -14.15 -22.02 20.63
N ALA B 124 -13.32 -21.55 19.70
CA ALA B 124 -12.73 -22.41 18.67
C ALA B 124 -11.40 -22.96 19.19
N ARG B 125 -11.43 -24.19 19.71
CA ARG B 125 -10.19 -24.84 20.12
C ARG B 125 -9.41 -25.32 18.91
N LEU B 126 -8.11 -25.04 18.89
CA LEU B 126 -7.33 -25.35 17.70
C LEU B 126 -7.03 -26.85 17.63
N LEU B 127 -6.50 -27.26 16.48
CA LEU B 127 -6.24 -28.67 16.22
C LEU B 127 -4.77 -28.96 15.98
N SER B 128 -4.10 -28.24 15.08
CA SER B 128 -2.72 -28.55 14.72
C SER B 128 -2.00 -27.29 14.29
N CYS B 129 -0.95 -26.92 15.02
CA CYS B 129 -0.05 -25.85 14.64
C CYS B 129 1.27 -26.49 14.22
N GLU B 130 1.65 -26.31 12.95
CA GLU B 130 2.84 -26.93 12.40
C GLU B 130 3.68 -25.89 11.69
N HIS B 131 4.99 -26.11 11.70
CA HIS B 131 5.95 -25.22 11.06
C HIS B 131 6.59 -25.92 9.88
N HIS B 132 6.52 -25.29 8.71
CA HIS B 132 7.06 -25.86 7.47
C HIS B 132 8.31 -25.06 7.10
N TRP B 133 9.47 -25.60 7.48
CA TRP B 133 10.72 -24.87 7.33
C TRP B 133 11.06 -24.62 5.86
N TYR B 134 10.89 -25.65 5.05
CA TYR B 134 11.12 -25.39 3.61
C TYR B 134 10.09 -26.16 2.80
N ASP B 135 9.42 -27.11 3.44
CA ASP B 135 8.53 -27.90 2.57
C ASP B 135 7.54 -26.88 2.02
N HIS B 136 7.34 -26.91 0.71
CA HIS B 136 6.43 -25.97 0.03
C HIS B 136 4.99 -26.17 0.44
N ILE B 137 4.58 -27.42 0.57
CA ILE B 137 3.12 -27.65 0.73
C ILE B 137 2.76 -28.35 2.02
N PRO B 138 1.74 -27.87 2.77
CA PRO B 138 1.26 -28.61 3.91
C PRO B 138 0.70 -29.92 3.37
N PRO B 139 0.94 -31.07 4.03
CA PRO B 139 0.38 -32.33 3.58
C PRO B 139 -1.12 -32.21 3.87
N LEU B 140 -1.97 -32.95 3.16
CA LEU B 140 -3.44 -32.72 3.33
C LEU B 140 -3.81 -33.01 4.78
N LYS B 141 -4.69 -32.19 5.34
CA LYS B 141 -5.02 -32.33 6.77
C LYS B 141 -6.41 -32.95 6.92
N ASP B 142 -6.53 -34.02 7.71
CA ASP B 142 -7.89 -34.53 7.90
C ASP B 142 -8.66 -33.40 8.57
N PRO B 143 -9.88 -33.05 8.13
CA PRO B 143 -10.66 -32.03 8.82
C PRO B 143 -11.16 -32.50 10.18
N GLY B 144 -11.19 -31.62 11.18
CA GLY B 144 -11.81 -32.00 12.47
C GLY B 144 -10.94 -32.72 13.49
N GLN B 145 -10.23 -33.80 13.11
CA GLN B 145 -9.53 -34.56 14.15
C GLN B 145 -8.33 -33.77 14.67
N PRO B 146 -8.15 -33.70 15.99
CA PRO B 146 -7.03 -32.95 16.56
C PRO B 146 -5.71 -33.72 16.50
N GLY B 147 -4.67 -33.15 17.09
CA GLY B 147 -3.36 -33.76 17.14
C GLY B 147 -2.32 -32.92 16.40
N GLU B 148 -1.08 -33.38 16.51
CA GLU B 148 0.07 -32.75 15.85
C GLU B 148 0.23 -31.29 16.28
N ASN B 149 0.54 -31.11 17.56
CA ASN B 149 0.82 -29.79 18.12
C ASN B 149 2.32 -29.67 18.35
N THR B 150 3.01 -29.08 17.36
CA THR B 150 4.44 -28.80 17.42
C THR B 150 4.69 -27.30 17.45
N CYS B 151 3.87 -26.58 18.21
CA CYS B 151 3.83 -25.12 18.20
C CYS B 151 4.10 -24.61 19.61
N VAL B 152 4.95 -23.58 19.71
CA VAL B 152 5.27 -22.98 21.01
C VAL B 152 4.13 -22.04 21.36
N THR B 153 3.24 -22.50 22.24
CA THR B 153 1.99 -21.81 22.52
C THR B 153 1.85 -21.60 24.02
N GLN B 154 1.04 -20.61 24.39
CA GLN B 154 0.67 -20.36 25.78
C GLN B 154 -0.66 -19.63 25.79
N ASP B 155 -1.57 -20.07 26.66
CA ASP B 155 -2.93 -19.54 26.72
C ASP B 155 -3.23 -19.07 28.14
N ILE B 156 -3.47 -17.77 28.29
CA ILE B 156 -3.80 -17.18 29.59
C ILE B 156 -4.95 -16.21 29.41
N SER B 157 -5.91 -16.27 30.33
CA SER B 157 -7.05 -15.36 30.29
C SER B 157 -6.63 -13.96 30.72
N TYR B 158 -7.14 -12.95 30.01
CA TYR B 158 -6.63 -11.58 30.05
C TYR B 158 -7.78 -10.63 30.36
N ILE B 159 -7.49 -9.33 30.33
CA ILE B 159 -8.50 -8.28 30.56
C ILE B 159 -8.25 -7.14 29.60
N ASP B 160 -9.32 -6.65 28.97
CA ASP B 160 -9.24 -5.57 27.98
C ASP B 160 -8.99 -4.23 28.67
N PRO B 161 -7.89 -3.54 28.36
CA PRO B 161 -7.67 -2.21 28.96
C PRO B 161 -8.54 -1.12 28.38
N TYR B 162 -9.16 -1.33 27.21
CA TYR B 162 -9.95 -0.27 26.57
C TYR B 162 -11.18 0.08 27.41
N THR B 163 -11.88 -0.93 27.94
CA THR B 163 -13.02 -0.72 28.81
C THR B 163 -12.76 -1.13 30.26
N ASN B 164 -11.88 -2.10 30.48
CA ASN B 164 -11.43 -2.61 31.78
C ASN B 164 -12.51 -3.36 32.54
N LYS B 165 -13.73 -3.43 32.03
CA LYS B 165 -14.79 -4.24 32.62
C LYS B 165 -15.15 -5.43 31.76
N THR B 166 -14.42 -5.66 30.67
CA THR B 166 -14.65 -6.78 29.76
C THR B 166 -13.46 -7.72 29.81
N MET B 167 -13.72 -9.00 30.01
CA MET B 167 -12.69 -10.02 30.11
C MET B 167 -12.56 -10.73 28.77
N LYS B 168 -11.37 -10.62 28.17
CA LYS B 168 -11.10 -11.23 26.87
C LYS B 168 -9.91 -12.17 27.01
N HIS B 169 -9.99 -13.31 26.32
CA HIS B 169 -8.96 -14.33 26.37
C HIS B 169 -8.16 -14.34 25.08
N ALA B 170 -6.88 -14.67 25.17
CA ALA B 170 -5.99 -14.68 24.03
C ALA B 170 -5.14 -15.94 24.05
N LEU B 171 -4.70 -16.36 22.87
CA LEU B 171 -3.74 -17.45 22.71
C LEU B 171 -2.54 -16.94 21.91
N ILE B 172 -1.35 -17.17 22.43
CA ILE B 172 -0.12 -16.60 21.89
C ILE B 172 0.74 -17.72 21.32
N VAL B 173 1.28 -17.48 20.12
CA VAL B 173 2.18 -18.43 19.46
C VAL B 173 3.41 -17.67 18.98
N GLN B 174 4.46 -18.43 18.68
CA GLN B 174 5.66 -17.86 18.09
C GLN B 174 5.56 -17.89 16.56
N GLY B 175 6.20 -16.91 15.93
CA GLY B 175 6.09 -16.74 14.50
C GLY B 175 7.13 -17.53 13.74
N PRO B 176 7.15 -17.35 12.42
CA PRO B 176 8.18 -18.00 11.60
C PRO B 176 9.50 -17.25 11.64
N ARG B 177 10.58 -18.00 11.47
CA ARG B 177 11.93 -17.46 11.61
C ARG B 177 12.74 -17.52 10.32
N ASP B 178 12.84 -18.70 9.69
CA ASP B 178 13.69 -18.90 8.53
C ASP B 178 13.12 -18.14 7.34
N VAL B 179 13.86 -17.13 6.86
CA VAL B 179 13.39 -16.32 5.75
C VAL B 179 13.91 -16.85 4.42
N ARG B 180 15.15 -17.34 4.38
CA ARG B 180 15.70 -17.88 3.14
C ARG B 180 14.93 -19.12 2.70
N ARG B 181 14.56 -19.98 3.65
CA ARG B 181 13.69 -21.11 3.39
C ARG B 181 12.22 -20.77 3.55
N ARG B 182 11.90 -19.49 3.77
CA ARG B 182 10.52 -18.96 3.82
C ARG B 182 9.60 -19.82 4.69
N GLU B 183 10.07 -20.14 5.90
CA GLU B 183 9.31 -20.98 6.80
C GLU B 183 7.93 -20.40 7.05
N LEU B 184 6.90 -21.24 6.95
CA LEU B 184 5.53 -20.84 7.14
C LEU B 184 4.89 -21.66 8.24
N VAL B 185 4.00 -21.03 8.99
CA VAL B 185 3.30 -21.65 10.10
C VAL B 185 1.88 -21.99 9.65
N PHE B 186 1.47 -23.23 9.86
CA PHE B 186 0.15 -23.69 9.47
C PHE B 186 -0.70 -23.87 10.72
N LEU B 187 -1.89 -23.27 10.73
CA LEU B 187 -2.79 -23.31 11.87
C LEU B 187 -4.16 -23.83 11.42
N GLN B 188 -4.91 -24.38 12.36
CA GLN B 188 -6.24 -24.90 12.11
C GLN B 188 -7.13 -24.63 13.31
N PHE B 189 -8.43 -24.50 13.06
CA PHE B 189 -9.39 -24.28 14.12
C PHE B 189 -10.68 -25.03 13.80
N HIS B 190 -11.44 -25.35 14.84
CA HIS B 190 -12.71 -26.02 14.70
C HIS B 190 -13.63 -25.59 15.84
N LEU B 191 -14.91 -25.46 15.55
CA LEU B 191 -15.87 -25.05 16.56
C LEU B 191 -17.25 -25.57 16.19
N ASN B 192 -18.01 -26.00 17.18
CA ASN B 192 -19.39 -26.39 16.95
C ASN B 192 -20.23 -25.17 16.63
N GLU B 193 -21.23 -25.36 15.77
CA GLU B 193 -22.02 -24.23 15.28
C GLU B 193 -22.72 -23.52 16.42
N THR B 194 -22.80 -22.19 16.32
CA THR B 194 -23.39 -21.36 17.35
C THR B 194 -24.32 -20.32 16.75
N LYS B 195 -24.75 -19.34 17.55
CA LYS B 195 -25.66 -18.30 17.11
C LYS B 195 -24.93 -17.01 16.75
N GLN B 196 -23.65 -17.09 16.38
CA GLN B 196 -22.87 -15.90 16.08
C GLN B 196 -23.22 -15.28 14.75
N ASP B 197 -23.85 -16.05 13.84
CA ASP B 197 -24.26 -15.64 12.50
C ASP B 197 -23.09 -15.41 11.57
N PHE B 198 -21.85 -15.53 12.03
CA PHE B 198 -20.67 -15.34 11.19
C PHE B 198 -19.52 -16.14 11.79
N SER B 199 -18.46 -16.30 10.99
CA SER B 199 -17.28 -17.06 11.41
C SER B 199 -16.05 -16.20 11.16
N ALA B 200 -15.43 -15.71 12.24
CA ALA B 200 -14.21 -14.93 12.14
C ALA B 200 -13.52 -14.93 13.49
N ILE B 201 -12.19 -15.02 13.46
CA ILE B 201 -11.38 -15.00 14.66
C ILE B 201 -10.38 -13.85 14.54
N ASP B 202 -10.39 -12.96 15.53
CA ASP B 202 -9.47 -11.83 15.52
C ASP B 202 -8.06 -12.29 15.86
N TYR B 203 -7.07 -11.51 15.41
CA TYR B 203 -5.69 -11.79 15.76
C TYR B 203 -4.89 -10.51 15.72
N LEU B 204 -3.72 -10.56 16.35
CA LEU B 204 -2.85 -9.38 16.51
C LEU B 204 -1.40 -9.85 16.50
N LEU B 205 -0.51 -8.98 16.05
CA LEU B 205 0.91 -9.29 15.93
C LEU B 205 1.72 -8.30 16.73
N PHE B 206 2.75 -8.80 17.43
CA PHE B 206 3.72 -7.95 18.10
C PHE B 206 5.12 -8.33 17.64
N SER B 207 6.10 -7.55 18.09
CA SER B 207 7.43 -7.57 17.47
C SER B 207 8.14 -8.89 17.71
N SER B 208 8.22 -9.34 18.96
CA SER B 208 9.01 -10.53 19.26
C SER B 208 8.35 -11.33 20.39
N TYR B 209 8.69 -12.62 20.43
CA TYR B 209 8.12 -13.56 21.40
C TYR B 209 8.93 -13.61 22.69
N GLU B 210 10.27 -13.68 22.56
CA GLU B 210 11.11 -13.78 23.74
C GLU B 210 11.01 -12.54 24.63
N ALA B 211 10.56 -11.42 24.08
CA ALA B 211 10.30 -10.23 24.90
C ALA B 211 9.01 -10.37 25.71
N PHE B 212 8.03 -11.11 25.19
CA PHE B 212 6.82 -11.37 25.96
C PHE B 212 7.02 -12.48 26.96
N LEU B 213 7.90 -13.44 26.67
CA LEU B 213 8.03 -14.60 27.55
C LEU B 213 8.93 -14.32 28.75
N LYS B 214 10.21 -14.00 28.51
CA LYS B 214 11.20 -14.02 29.57
C LYS B 214 11.17 -12.78 30.44
N SER B 215 10.98 -11.59 29.87
CA SER B 215 11.08 -10.35 30.64
C SER B 215 9.94 -10.26 31.65
N HIS B 216 10.13 -9.37 32.63
CA HIS B 216 9.21 -9.22 33.76
C HIS B 216 8.05 -8.30 33.41
N ASP B 217 6.90 -8.58 34.03
CA ASP B 217 5.68 -7.79 33.86
C ASP B 217 5.33 -7.64 32.38
N GLN B 218 5.08 -8.77 31.72
CA GLN B 218 4.60 -8.78 30.34
C GLN B 218 3.09 -8.94 30.24
N VAL B 219 2.43 -9.22 31.36
CA VAL B 219 0.96 -9.20 31.37
C VAL B 219 0.46 -7.82 30.97
N LYS B 220 1.11 -6.77 31.48
CA LYS B 220 0.77 -5.42 31.05
C LYS B 220 1.37 -5.11 29.68
N PHE B 221 2.37 -5.89 29.26
CA PHE B 221 2.86 -5.75 27.89
C PHE B 221 1.77 -6.12 26.90
N MET B 222 0.97 -7.13 27.21
CA MET B 222 -0.18 -7.44 26.36
C MET B 222 -1.08 -6.22 26.24
N GLN B 223 -1.36 -5.56 27.37
CA GLN B 223 -2.30 -4.44 27.36
C GLN B 223 -1.79 -3.28 26.51
N ASP B 224 -0.54 -2.86 26.72
CA ASP B 224 -0.09 -1.68 25.97
C ASP B 224 0.21 -2.02 24.52
N CYS B 225 0.64 -3.26 24.23
CA CYS B 225 0.82 -3.64 22.84
C CYS B 225 -0.51 -3.68 22.10
N GLU B 226 -1.56 -4.21 22.76
CA GLU B 226 -2.87 -4.23 22.14
C GLU B 226 -3.42 -2.82 21.95
N SER B 227 -3.22 -1.94 22.93
CA SER B 227 -3.63 -0.55 22.77
C SER B 227 -2.80 0.18 21.73
N SER B 228 -1.61 -0.33 21.40
CA SER B 228 -0.77 0.28 20.37
C SER B 228 -0.98 -0.37 19.01
N PHE B 229 -0.84 -1.69 18.94
CA PHE B 229 -1.02 -2.39 17.68
C PHE B 229 -2.50 -2.45 17.29
N SER B 230 -2.73 -2.79 16.02
CA SER B 230 -4.07 -2.94 15.48
C SER B 230 -4.35 -4.41 15.19
N SER B 231 -5.57 -4.84 15.46
CA SER B 231 -5.98 -6.22 15.28
C SER B 231 -7.03 -6.33 14.19
N TRP B 232 -6.84 -7.27 13.28
CA TRP B 232 -7.76 -7.52 12.19
C TRP B 232 -8.10 -9.00 12.15
N LYS B 233 -9.38 -9.31 12.02
CA LYS B 233 -9.86 -10.68 12.05
C LYS B 233 -9.74 -11.32 10.68
N PHE B 234 -9.51 -12.62 10.67
CA PHE B 234 -9.48 -13.38 9.42
C PHE B 234 -10.79 -14.14 9.23
N SER B 235 -11.09 -14.43 7.97
CA SER B 235 -12.36 -15.04 7.63
C SER B 235 -12.43 -16.49 8.10
N GLY B 236 -13.65 -16.97 8.26
CA GLY B 236 -13.87 -18.32 8.75
C GLY B 236 -14.51 -19.24 7.74
N GLY B 237 -13.76 -20.25 7.30
CA GLY B 237 -14.22 -21.20 6.31
C GLY B 237 -13.21 -21.49 5.23
N PHE B 238 -12.24 -20.61 5.01
CA PHE B 238 -11.22 -20.83 4.00
C PHE B 238 -9.91 -20.22 4.47
N ARG B 239 -8.82 -20.67 3.84
CA ARG B 239 -7.49 -20.22 4.23
C ARG B 239 -7.34 -18.73 4.01
N THR B 240 -6.55 -18.09 4.88
CA THR B 240 -6.15 -16.69 4.72
C THR B 240 -4.63 -16.66 4.79
N TRP B 241 -3.97 -16.88 3.65
CA TRP B 241 -2.52 -16.85 3.62
C TRP B 241 -2.03 -15.43 3.90
N VAL B 242 -1.32 -15.26 5.00
CA VAL B 242 -0.87 -13.95 5.46
C VAL B 242 0.61 -13.82 5.15
N LYS B 243 0.99 -12.78 4.44
CA LYS B 243 2.39 -12.45 4.18
C LYS B 243 2.68 -11.12 4.85
N MET B 244 3.52 -11.16 5.88
CA MET B 244 3.78 -9.99 6.73
C MET B 244 5.20 -9.51 6.55
N SER B 245 5.38 -8.20 6.72
CA SER B 245 6.70 -7.59 6.68
C SER B 245 6.78 -6.56 7.80
N LEU B 246 8.00 -6.30 8.26
CA LEU B 246 8.24 -5.43 9.39
C LEU B 246 8.83 -4.11 8.88
N VAL B 247 8.24 -3.00 9.31
CA VAL B 247 8.69 -1.67 8.92
C VAL B 247 9.15 -0.95 10.18
N LYS B 248 10.38 -0.45 10.15
CA LYS B 248 10.99 0.23 11.29
C LYS B 248 11.15 1.70 10.93
N THR B 249 10.41 2.56 11.61
CA THR B 249 10.53 4.01 11.44
C THR B 249 11.31 4.59 12.61
N LYS B 250 12.35 5.36 12.30
CA LYS B 250 13.27 5.88 13.31
C LYS B 250 12.91 7.33 13.60
N GLU B 251 12.09 7.53 14.63
CA GLU B 251 11.79 8.88 15.07
C GLU B 251 13.03 9.49 15.74
N GLU B 252 13.11 10.82 15.67
CA GLU B 252 14.34 11.53 16.05
C GLU B 252 14.51 11.69 17.55
N ASP B 253 13.46 11.48 18.34
CA ASP B 253 13.56 11.72 19.79
C ASP B 253 14.15 10.52 20.53
N GLY B 254 15.30 10.05 20.05
CA GLY B 254 16.04 9.00 20.73
C GLY B 254 15.30 7.71 20.95
N SER B 255 14.32 7.39 20.09
CA SER B 255 13.54 6.18 20.25
C SER B 255 13.24 5.60 18.88
N GLN B 256 12.70 4.38 18.88
CA GLN B 256 12.44 3.63 17.65
C GLN B 256 11.02 3.08 17.69
N SER B 257 10.46 2.87 16.50
CA SER B 257 9.11 2.34 16.37
C SER B 257 9.10 1.19 15.38
N VAL B 258 8.28 0.18 15.67
CA VAL B 258 8.15 -1.02 14.84
C VAL B 258 6.68 -1.23 14.53
N GLU B 259 6.36 -1.42 13.26
CA GLU B 259 4.99 -1.71 12.85
C GLU B 259 5.01 -2.81 11.79
N PHE B 260 3.92 -3.55 11.69
CA PHE B 260 3.80 -4.67 10.78
C PHE B 260 2.85 -4.30 9.65
N ARG B 261 3.32 -4.50 8.41
CA ARG B 261 2.48 -4.36 7.23
C ARG B 261 2.29 -5.73 6.61
N GLN B 262 1.04 -6.09 6.35
CA GLN B 262 0.71 -7.42 5.86
C GLN B 262 -0.36 -7.34 4.79
N GLU B 263 -0.34 -8.30 3.88
CA GLU B 263 -1.38 -8.50 2.89
C GLU B 263 -1.81 -9.95 2.93
N THR B 264 -3.12 -10.19 2.86
CA THR B 264 -3.66 -11.53 3.01
C THR B 264 -4.10 -12.08 1.65
N SER B 265 -4.12 -13.40 1.55
CA SER B 265 -4.58 -14.10 0.35
C SER B 265 -5.53 -15.21 0.78
N VAL B 266 -6.76 -15.15 0.31
CA VAL B 266 -7.79 -16.11 0.69
C VAL B 266 -7.95 -17.14 -0.44
N VAL B 267 -7.89 -18.41 -0.08
CA VAL B 267 -8.07 -19.51 -1.03
C VAL B 267 -9.23 -20.36 -0.53
N ASN B 268 -10.20 -20.61 -1.40
CA ASN B 268 -11.41 -21.31 -1.00
C ASN B 268 -11.10 -22.74 -0.60
N PHE B 269 -11.89 -23.27 0.33
CA PHE B 269 -11.69 -24.60 0.91
C PHE B 269 -12.90 -25.46 0.60
N ILE B 270 -12.66 -26.65 0.04
CA ILE B 270 -13.74 -27.53 -0.37
C ILE B 270 -14.18 -28.38 0.81
N ASP B 271 -15.50 -28.44 1.04
CA ASP B 271 -16.06 -29.15 2.17
C ASP B 271 -16.45 -30.58 1.81
N ARG B 272 -16.49 -30.91 0.51
CA ARG B 272 -17.03 -32.18 0.06
C ARG B 272 -16.28 -33.38 0.62
N ARG B 273 -15.05 -33.20 1.11
CA ARG B 273 -14.30 -34.31 1.68
C ARG B 273 -15.00 -34.87 2.91
N GLU B 274 -15.14 -34.05 3.95
CA GLU B 274 -15.86 -34.48 5.13
C GLU B 274 -17.37 -34.51 4.91
N THR B 275 -17.89 -33.56 4.10
CA THR B 275 -19.30 -33.34 3.76
C THR B 275 -20.25 -33.73 4.90
N PRO B 276 -20.15 -33.08 6.06
CA PRO B 276 -21.00 -33.45 7.19
C PRO B 276 -22.30 -32.65 7.21
N ASP B 277 -23.26 -33.18 7.96
CA ASP B 277 -24.55 -32.53 8.12
C ASP B 277 -24.56 -31.56 9.30
N LYS B 278 -23.50 -31.53 10.10
CA LYS B 278 -23.43 -30.60 11.24
C LYS B 278 -23.13 -29.19 10.78
N GLY B 279 -22.32 -29.02 9.74
CA GLY B 279 -21.99 -27.69 9.25
C GLY B 279 -21.07 -26.89 10.15
N ASP B 280 -20.28 -27.55 10.98
CA ASP B 280 -19.36 -26.84 11.86
C ASP B 280 -18.26 -26.15 11.06
N GLN B 281 -17.95 -24.92 11.44
CA GLN B 281 -16.95 -24.13 10.75
C GLN B 281 -15.55 -24.67 11.00
N LEU B 282 -14.71 -24.62 9.96
CA LEU B 282 -13.31 -24.97 10.07
C LEU B 282 -12.47 -23.84 9.51
N PHE B 283 -11.45 -23.43 10.26
CA PHE B 283 -10.59 -22.31 9.87
C PHE B 283 -9.22 -22.84 9.45
N PHE B 284 -8.50 -22.04 8.67
CA PHE B 284 -7.13 -22.34 8.30
C PHE B 284 -6.38 -21.02 8.11
N VAL B 285 -5.22 -20.90 8.75
CA VAL B 285 -4.40 -19.69 8.64
C VAL B 285 -2.97 -20.11 8.36
N VAL B 286 -2.29 -19.34 7.50
CA VAL B 286 -0.89 -19.56 7.18
C VAL B 286 -0.17 -18.23 7.27
N PHE B 287 0.85 -18.16 8.12
CA PHE B 287 1.66 -16.97 8.28
C PHE B 287 3.01 -17.17 7.60
N GLU B 288 3.52 -16.10 6.99
CA GLU B 288 4.75 -16.22 6.22
C GLU B 288 5.42 -14.85 6.13
N TRP B 289 6.73 -14.87 5.91
CA TRP B 289 7.50 -13.64 5.70
C TRP B 289 7.53 -13.31 4.22
N LYS B 290 7.27 -12.04 3.89
CA LYS B 290 7.13 -11.65 2.49
C LYS B 290 8.49 -11.58 1.80
N ASP B 291 9.37 -10.71 2.26
CA ASP B 291 10.71 -10.58 1.71
C ASP B 291 11.70 -10.39 2.84
N PRO B 292 12.95 -10.84 2.66
CA PRO B 292 13.96 -10.62 3.70
C PRO B 292 14.21 -9.16 4.01
N TYR B 293 14.00 -8.27 3.06
CA TYR B 293 14.31 -6.86 3.25
C TYR B 293 13.40 -6.24 4.30
N ILE B 294 13.99 -5.42 5.17
CA ILE B 294 13.28 -4.61 6.15
C ILE B 294 13.41 -3.16 5.74
N GLN B 295 12.28 -2.47 5.63
CA GLN B 295 12.28 -1.08 5.22
C GLN B 295 12.47 -0.18 6.43
N GLU B 296 13.42 0.76 6.34
CA GLU B 296 13.70 1.71 7.39
C GLU B 296 13.37 3.12 6.90
N ILE B 297 12.62 3.87 7.71
CA ILE B 297 12.19 5.21 7.37
C ILE B 297 12.66 6.17 8.45
N GLN B 298 13.35 7.24 8.03
CA GLN B 298 13.86 8.24 8.95
C GLN B 298 13.48 9.62 8.44
N ASP B 299 13.13 10.51 9.37
CA ASP B 299 12.79 11.88 9.05
C ASP B 299 14.02 12.76 9.21
N ILE B 300 14.50 13.32 8.11
CA ILE B 300 15.73 14.10 8.10
C ILE B 300 15.38 15.58 7.96
N ILE B 301 15.97 16.41 8.81
CA ILE B 301 15.82 17.86 8.70
C ILE B 301 16.68 18.34 7.53
N THR B 302 16.10 19.21 6.70
CA THR B 302 16.71 19.58 5.44
C THR B 302 17.75 20.69 5.55
N ALA B 303 17.69 21.52 6.60
CA ALA B 303 18.56 22.67 6.71
C ALA B 303 19.13 22.78 8.11
N ASN B 304 20.27 23.46 8.22
CA ASN B 304 20.92 23.74 9.48
C ASN B 304 21.23 25.23 9.59
N PRO B 305 21.23 25.78 10.80
CA PRO B 305 21.48 27.22 10.95
C PRO B 305 22.90 27.64 10.58
N TRP B 306 23.88 26.74 10.68
CA TRP B 306 25.26 27.13 10.44
C TRP B 306 25.48 27.55 8.99
N SER B 307 24.94 26.79 8.04
CA SER B 307 25.09 27.15 6.64
C SER B 307 24.45 28.49 6.33
N MET B 308 23.25 28.73 6.87
CA MET B 308 22.55 29.98 6.61
C MET B 308 23.28 31.16 7.23
N ILE B 309 23.79 31.00 8.45
CA ILE B 309 24.51 32.09 9.10
C ILE B 309 25.82 32.38 8.37
N ALA B 310 26.50 31.34 7.88
CA ALA B 310 27.71 31.56 7.12
C ALA B 310 27.39 32.26 5.79
N LEU B 311 26.29 31.89 5.14
CA LEU B 311 25.93 32.53 3.88
C LEU B 311 25.58 33.99 4.09
N LEU B 312 24.84 34.31 5.16
CA LEU B 312 24.52 35.71 5.42
C LEU B 312 25.77 36.50 5.78
N CYS B 313 26.69 35.89 6.52
CA CYS B 313 27.96 36.56 6.80
C CYS B 313 28.73 36.83 5.51
N SER B 314 28.72 35.87 4.59
CA SER B 314 29.41 36.05 3.32
C SER B 314 28.78 37.17 2.50
N VAL B 315 27.44 37.25 2.49
CA VAL B 315 26.79 38.31 1.73
C VAL B 315 27.05 39.67 2.38
N PHE B 316 27.11 39.71 3.71
CA PHE B 316 27.50 40.94 4.38
C PHE B 316 28.90 41.36 3.99
N LEU B 317 29.83 40.40 3.94
CA LEU B 317 31.21 40.72 3.57
C LEU B 317 31.30 41.22 2.13
N VAL B 318 30.59 40.57 1.21
CA VAL B 318 30.70 40.96 -0.20
C VAL B 318 30.06 42.33 -0.42
N LEU B 319 28.97 42.63 0.29
CA LEU B 319 28.38 43.96 0.16
C LEU B 319 29.25 45.02 0.81
N PHE B 320 29.93 44.69 1.90
CA PHE B 320 30.90 45.62 2.49
C PHE B 320 32.04 45.88 1.52
N LYS B 321 32.51 44.84 0.84
CA LYS B 321 33.56 45.03 -0.16
C LYS B 321 33.07 45.90 -1.32
N ALA B 322 31.82 45.71 -1.75
CA ALA B 322 31.25 46.55 -2.79
C ALA B 322 31.17 48.01 -2.33
N ALA B 323 30.77 48.24 -1.09
CA ALA B 323 30.72 49.60 -0.56
C ALA B 323 32.12 50.21 -0.48
N ASP B 324 33.12 49.42 -0.09
CA ASP B 324 34.49 49.91 -0.07
C ASP B 324 34.97 50.26 -1.47
N PHE B 325 34.62 49.44 -2.47
CA PHE B 325 34.95 49.74 -3.86
C PHE B 325 34.29 51.03 -4.31
N ALA B 326 33.02 51.22 -3.95
CA ALA B 326 32.32 52.45 -4.30
C ALA B 326 32.98 53.66 -3.65
N LYS B 327 33.40 53.54 -2.39
CA LYS B 327 34.12 54.62 -1.74
C LYS B 327 35.43 54.91 -2.44
N LEU B 328 36.15 53.87 -2.85
CA LEU B 328 37.35 54.06 -3.65
C LEU B 328 37.05 54.77 -4.96
N SER B 329 35.87 54.53 -5.53
CA SER B 329 35.44 55.22 -6.74
C SER B 329 35.22 56.71 -6.46
N MET C 79 40.44 31.36 -13.57
CA MET C 79 39.38 31.61 -14.53
C MET C 79 38.73 30.31 -14.99
N GLY C 80 39.56 29.36 -15.44
CA GLY C 80 39.05 28.06 -15.82
C GLY C 80 38.38 27.34 -14.67
N VAL C 81 38.97 27.46 -13.48
CA VAL C 81 38.35 26.90 -12.28
C VAL C 81 36.97 27.50 -12.07
N ALA C 82 36.86 28.83 -12.22
CA ALA C 82 35.58 29.49 -12.04
C ALA C 82 34.55 29.03 -13.06
N VAL C 83 34.95 28.92 -14.33
CA VAL C 83 33.99 28.56 -15.37
C VAL C 83 33.54 27.11 -15.21
N PHE C 84 34.46 26.21 -14.84
CA PHE C 84 34.05 24.82 -14.61
C PHE C 84 33.17 24.70 -13.38
N LEU C 85 33.48 25.46 -12.33
CA LEU C 85 32.66 25.41 -11.13
C LEU C 85 31.25 25.92 -11.40
N VAL C 86 31.13 27.02 -12.16
CA VAL C 86 29.79 27.51 -12.48
C VAL C 86 29.08 26.57 -13.43
N TYR C 87 29.82 25.88 -14.32
CA TYR C 87 29.22 24.85 -15.16
C TYR C 87 28.58 23.75 -14.30
N GLN C 88 29.35 23.22 -13.35
CA GLN C 88 28.82 22.17 -12.49
C GLN C 88 27.64 22.69 -11.65
N THR C 89 27.75 23.93 -11.15
CA THR C 89 26.68 24.48 -10.32
C THR C 89 25.39 24.65 -11.11
N ILE C 90 25.48 25.16 -12.34
CA ILE C 90 24.28 25.37 -13.12
C ILE C 90 23.67 24.05 -13.55
N THR C 91 24.51 23.05 -13.87
CA THR C 91 23.96 21.74 -14.20
C THR C 91 23.27 21.11 -13.00
N ASP C 92 23.86 21.21 -11.80
CA ASP C 92 23.23 20.68 -10.60
C ASP C 92 21.93 21.41 -10.29
N PHE C 93 21.90 22.73 -10.50
CA PHE C 93 20.68 23.48 -10.26
C PHE C 93 19.58 23.08 -11.23
N ARG C 94 19.94 22.85 -12.51
CA ARG C 94 18.95 22.36 -13.47
C ARG C 94 18.42 21.00 -13.05
N ASP C 95 19.32 20.11 -12.61
CA ASP C 95 18.89 18.79 -12.16
C ASP C 95 17.96 18.87 -10.95
N LYS C 96 18.23 19.81 -10.05
CA LYS C 96 17.34 19.99 -8.91
C LYS C 96 16.00 20.59 -9.34
N LEU C 97 16.01 21.46 -10.34
CA LEU C 97 14.79 22.14 -10.76
C LEU C 97 13.86 21.21 -11.51
N LYS C 98 14.41 20.31 -12.32
CA LYS C 98 13.55 19.51 -13.21
C LYS C 98 12.59 18.62 -12.43
N HIS C 99 13.06 18.03 -11.34
CA HIS C 99 12.21 17.15 -10.53
C HIS C 99 12.35 17.51 -9.06
N PRO C 100 11.26 17.81 -8.36
CA PRO C 100 11.35 18.13 -6.93
C PRO C 100 11.32 16.89 -6.04
N VAL C 101 11.30 17.10 -4.72
CA VAL C 101 11.23 16.02 -3.75
C VAL C 101 9.86 16.06 -3.08
N MET C 102 9.51 14.97 -2.42
CA MET C 102 8.21 14.81 -1.79
C MET C 102 8.40 14.51 -0.31
N SER C 103 7.51 15.06 0.52
CA SER C 103 7.52 14.84 1.95
C SER C 103 6.11 14.49 2.43
N VAL C 104 6.05 13.79 3.56
CA VAL C 104 4.77 13.34 4.12
C VAL C 104 4.64 13.88 5.54
N SER C 105 3.40 13.93 6.01
CA SER C 105 3.09 14.43 7.34
C SER C 105 1.78 13.81 7.81
N TYR C 106 1.55 13.89 9.11
CA TYR C 106 0.34 13.36 9.74
C TYR C 106 -0.40 14.48 10.45
N LYS C 107 -1.62 14.19 10.88
CA LYS C 107 -2.42 15.15 11.63
C LYS C 107 -3.57 14.43 12.31
N GLU C 108 -3.81 14.78 13.57
CA GLU C 108 -4.94 14.26 14.32
C GLU C 108 -6.18 15.10 14.05
N VAL C 109 -7.35 14.47 14.16
CA VAL C 109 -8.62 15.15 14.05
C VAL C 109 -9.51 14.75 15.22
N ASN C 110 -10.19 15.73 15.81
CA ASN C 110 -11.06 15.44 16.95
C ASN C 110 -12.34 14.73 16.51
N MET C 111 -12.87 15.09 15.34
CA MET C 111 -14.08 14.48 14.82
C MET C 111 -14.04 14.55 13.31
N TYR C 112 -14.03 13.40 12.65
CA TYR C 112 -13.99 13.36 11.20
C TYR C 112 -15.24 13.99 10.61
N ASP C 113 -15.07 14.67 9.48
CA ASP C 113 -16.21 15.18 8.74
C ASP C 113 -17.01 14.02 8.17
N ALA C 114 -18.33 14.14 8.21
CA ALA C 114 -19.19 13.06 7.73
C ALA C 114 -19.08 12.93 6.22
N PRO C 115 -18.53 11.83 5.70
CA PRO C 115 -18.36 11.71 4.24
C PRO C 115 -19.59 11.14 3.57
N GLY C 116 -19.50 10.93 2.26
CA GLY C 116 -20.62 10.37 1.52
C GLY C 116 -20.26 9.09 0.79
N ILE C 117 -21.10 8.08 0.91
CA ILE C 117 -20.90 6.79 0.27
C ILE C 117 -21.91 6.66 -0.86
N ALA C 118 -21.43 6.45 -2.07
CA ALA C 118 -22.29 6.27 -3.23
C ALA C 118 -22.51 4.78 -3.47
N LEU C 119 -23.76 4.41 -3.74
CA LEU C 119 -24.11 3.03 -4.02
C LEU C 119 -24.94 2.96 -5.30
N TYR C 120 -24.82 1.84 -6.00
CA TYR C 120 -25.57 1.59 -7.23
C TYR C 120 -26.31 0.26 -7.08
N PRO C 121 -27.34 0.22 -6.23
CA PRO C 121 -28.02 -1.07 -5.99
C PRO C 121 -28.63 -1.68 -7.22
N GLY C 122 -29.12 -0.88 -8.16
CA GLY C 122 -29.80 -1.42 -9.31
C GLY C 122 -31.13 -2.02 -8.95
N LYS C 123 -31.22 -3.35 -8.94
CA LYS C 123 -32.44 -4.05 -8.55
C LYS C 123 -32.44 -4.46 -7.09
N ALA C 124 -31.36 -4.22 -6.35
CA ALA C 124 -31.22 -4.72 -4.98
C ALA C 124 -31.67 -3.65 -3.99
N ARG C 125 -32.96 -3.65 -3.67
CA ARG C 125 -33.47 -2.71 -2.67
C ARG C 125 -32.97 -3.10 -1.29
N LEU C 126 -32.42 -2.13 -0.56
CA LEU C 126 -31.77 -2.44 0.71
C LEU C 126 -32.83 -2.71 1.78
N LEU C 127 -32.36 -3.22 2.91
CA LEU C 127 -33.23 -3.62 4.02
C LEU C 127 -33.04 -2.78 5.27
N SER C 128 -31.79 -2.54 5.68
CA SER C 128 -31.55 -1.78 6.90
C SER C 128 -30.17 -1.15 6.85
N CYS C 129 -30.09 0.14 7.19
CA CYS C 129 -28.82 0.85 7.35
C CYS C 129 -28.75 1.34 8.79
N GLU C 130 -27.76 0.85 9.54
CA GLU C 130 -27.64 1.16 10.95
C GLU C 130 -26.24 1.67 11.25
N HIS C 131 -26.15 2.51 12.28
CA HIS C 131 -24.89 3.08 12.73
C HIS C 131 -24.58 2.57 14.13
N HIS C 132 -23.37 2.05 14.32
CA HIS C 132 -22.90 1.56 15.62
C HIS C 132 -21.85 2.55 16.11
N TRP C 133 -22.30 3.55 16.87
CA TRP C 133 -21.43 4.64 17.29
C TRP C 133 -20.31 4.16 18.20
N TYR C 134 -20.63 3.30 19.16
CA TYR C 134 -19.64 2.80 20.11
C TYR C 134 -19.69 1.29 20.29
N ASP C 135 -20.79 0.63 19.95
CA ASP C 135 -20.91 -0.80 20.17
C ASP C 135 -19.88 -1.55 19.35
N HIS C 136 -19.05 -2.34 20.03
CA HIS C 136 -18.07 -3.18 19.34
C HIS C 136 -18.79 -4.21 18.47
N ILE C 137 -19.85 -4.81 18.99
CA ILE C 137 -20.48 -5.97 18.37
C ILE C 137 -21.81 -5.56 17.74
N PRO C 138 -22.09 -5.98 16.51
CA PRO C 138 -23.43 -5.81 15.95
C PRO C 138 -24.37 -6.85 16.52
N PRO C 139 -25.53 -6.43 17.04
CA PRO C 139 -26.47 -7.40 17.61
C PRO C 139 -26.96 -8.38 16.56
N LEU C 140 -27.27 -9.60 17.02
CA LEU C 140 -27.70 -10.66 16.12
C LEU C 140 -28.94 -10.23 15.35
N LYS C 141 -28.92 -10.48 14.04
CA LYS C 141 -29.94 -9.98 13.13
C LYS C 141 -30.74 -11.13 12.54
N ASP C 142 -31.92 -10.79 12.02
CA ASP C 142 -32.79 -11.75 11.34
C ASP C 142 -32.96 -11.30 9.88
N PRO C 143 -32.21 -11.87 8.95
CA PRO C 143 -32.24 -11.37 7.57
C PRO C 143 -33.51 -11.78 6.83
N GLY C 144 -33.74 -11.11 5.70
CA GLY C 144 -34.84 -11.42 4.82
C GLY C 144 -35.98 -10.42 4.84
N GLN C 145 -36.05 -9.55 5.84
CA GLN C 145 -37.16 -8.60 5.94
C GLN C 145 -36.62 -7.18 6.07
N PRO C 146 -37.26 -6.21 5.42
CA PRO C 146 -36.79 -4.82 5.50
C PRO C 146 -37.16 -4.15 6.81
N GLY C 147 -36.87 -2.87 6.93
CA GLY C 147 -37.16 -2.09 8.12
C GLY C 147 -35.89 -1.62 8.80
N GLU C 148 -36.08 -0.76 9.80
CA GLU C 148 -34.98 -0.19 10.58
C GLU C 148 -33.99 0.55 9.70
N ASN C 149 -34.48 1.59 9.03
CA ASN C 149 -33.63 2.45 8.21
C ASN C 149 -33.38 3.74 8.98
N THR C 150 -32.33 3.74 9.80
CA THR C 150 -31.90 4.91 10.55
C THR C 150 -30.73 5.61 9.86
N CYS C 151 -30.78 5.65 8.54
CA CYS C 151 -29.65 6.07 7.71
C CYS C 151 -30.03 7.33 6.95
N VAL C 152 -29.07 8.24 6.80
CA VAL C 152 -29.27 9.47 6.05
C VAL C 152 -29.04 9.14 4.57
N THR C 153 -30.13 8.93 3.84
CA THR C 153 -30.08 8.40 2.49
C THR C 153 -30.69 9.40 1.51
N GLN C 154 -30.22 9.33 0.26
CA GLN C 154 -30.70 10.20 -0.81
C GLN C 154 -30.57 9.42 -2.11
N ASP C 155 -31.68 8.89 -2.62
CA ASP C 155 -31.68 8.04 -3.80
C ASP C 155 -32.21 8.82 -5.00
N ILE C 156 -31.40 8.91 -6.06
CA ILE C 156 -31.74 9.68 -7.25
C ILE C 156 -31.36 8.86 -8.48
N SER C 157 -31.95 9.22 -9.62
CA SER C 157 -31.57 8.66 -10.91
C SER C 157 -30.71 9.66 -11.66
N TYR C 158 -29.64 9.18 -12.28
CA TYR C 158 -28.61 10.02 -12.86
C TYR C 158 -28.33 9.62 -14.31
N ILE C 159 -27.29 10.21 -14.88
CA ILE C 159 -26.84 9.90 -16.24
C ILE C 159 -25.32 9.84 -16.26
N ASP C 160 -24.78 8.82 -16.92
CA ASP C 160 -23.34 8.62 -17.00
C ASP C 160 -22.72 9.59 -18.01
N PRO C 161 -21.79 10.46 -17.61
CA PRO C 161 -21.15 11.35 -18.58
C PRO C 161 -20.09 10.69 -19.44
N TYR C 162 -19.63 9.49 -19.10
CA TYR C 162 -18.60 8.83 -19.91
C TYR C 162 -19.11 8.51 -21.30
N THR C 163 -20.33 7.98 -21.41
CA THR C 163 -20.96 7.73 -22.69
C THR C 163 -22.07 8.72 -23.02
N ASN C 164 -22.75 9.25 -21.99
CA ASN C 164 -23.82 10.24 -22.05
C ASN C 164 -25.09 9.70 -22.69
N LYS C 165 -25.12 8.43 -23.11
CA LYS C 165 -26.34 7.79 -23.58
C LYS C 165 -26.78 6.67 -22.67
N THR C 166 -26.14 6.51 -21.51
CA THR C 166 -26.47 5.47 -20.54
C THR C 166 -27.00 6.11 -19.26
N MET C 167 -28.09 5.57 -18.74
CA MET C 167 -28.73 6.07 -17.54
C MET C 167 -28.47 5.09 -16.39
N LYS C 168 -27.84 5.58 -15.32
CA LYS C 168 -27.51 4.77 -14.17
C LYS C 168 -28.06 5.41 -12.91
N HIS C 169 -28.61 4.57 -12.02
CA HIS C 169 -29.22 5.02 -10.79
C HIS C 169 -28.24 4.85 -9.64
N ALA C 170 -28.22 5.82 -8.72
CA ALA C 170 -27.29 5.82 -7.61
C ALA C 170 -28.04 6.01 -6.29
N LEU C 171 -27.42 5.57 -5.21
CA LEU C 171 -27.90 5.79 -3.85
C LEU C 171 -26.78 6.40 -3.02
N ILE C 172 -27.09 7.46 -2.30
CA ILE C 172 -26.10 8.24 -1.56
C ILE C 172 -26.45 8.19 -0.08
N VAL C 173 -25.45 7.88 0.75
CA VAL C 173 -25.60 7.85 2.20
C VAL C 173 -24.44 8.61 2.83
N GLN C 174 -24.61 8.96 4.10
CA GLN C 174 -23.54 9.59 4.86
C GLN C 174 -22.69 8.53 5.56
N GLY C 175 -21.40 8.83 5.71
CA GLY C 175 -20.48 7.90 6.30
C GLY C 175 -20.39 8.05 7.80
N PRO C 176 -19.48 7.31 8.43
CA PRO C 176 -19.29 7.44 9.87
C PRO C 176 -18.56 8.73 10.22
N ARG C 177 -18.81 9.21 11.44
CA ARG C 177 -18.23 10.46 11.91
C ARG C 177 -17.31 10.28 13.10
N ASP C 178 -17.78 9.64 14.17
CA ASP C 178 -16.99 9.50 15.38
C ASP C 178 -15.82 8.57 15.15
N VAL C 179 -14.62 9.02 15.53
CA VAL C 179 -13.42 8.23 15.30
C VAL C 179 -12.89 7.64 16.60
N ARG C 180 -12.97 8.39 17.70
CA ARG C 180 -12.50 7.87 18.99
C ARG C 180 -13.31 6.65 19.41
N ARG C 181 -14.62 6.69 19.21
CA ARG C 181 -15.49 5.55 19.45
C ARG C 181 -15.64 4.65 18.23
N ARG C 182 -14.92 4.96 17.15
CA ARG C 182 -14.89 4.21 15.90
C ARG C 182 -16.29 3.74 15.48
N GLU C 183 -17.14 4.71 15.20
CA GLU C 183 -18.47 4.42 14.69
C GLU C 183 -18.37 3.65 13.37
N LEU C 184 -19.16 2.59 13.24
CA LEU C 184 -19.22 1.80 12.01
C LEU C 184 -20.66 1.75 11.52
N VAL C 185 -20.81 1.78 10.20
CA VAL C 185 -22.11 1.81 9.55
C VAL C 185 -22.39 0.42 8.99
N PHE C 186 -23.58 -0.10 9.27
CA PHE C 186 -23.98 -1.44 8.84
C PHE C 186 -25.06 -1.31 7.77
N LEU C 187 -24.86 -2.00 6.64
CA LEU C 187 -25.80 -1.99 5.54
C LEU C 187 -26.11 -3.42 5.15
N GLN C 188 -27.39 -3.71 4.87
CA GLN C 188 -27.82 -5.01 4.40
C GLN C 188 -28.57 -4.84 3.09
N PHE C 189 -28.21 -5.63 2.09
CA PHE C 189 -28.85 -5.59 0.78
C PHE C 189 -29.42 -6.97 0.44
N HIS C 190 -30.60 -6.97 -0.16
CA HIS C 190 -31.20 -8.18 -0.68
C HIS C 190 -31.48 -7.98 -2.17
N LEU C 191 -31.02 -8.93 -2.99
CA LEU C 191 -31.15 -8.84 -4.43
C LEU C 191 -31.88 -10.07 -4.96
N ASN C 192 -32.94 -9.84 -5.73
CA ASN C 192 -33.65 -10.93 -6.36
C ASN C 192 -32.75 -11.63 -7.37
N GLU C 193 -33.09 -12.87 -7.70
CA GLU C 193 -32.27 -13.65 -8.61
C GLU C 193 -32.12 -12.93 -9.95
N THR C 194 -30.88 -12.85 -10.43
CA THR C 194 -30.55 -12.10 -11.63
C THR C 194 -29.89 -13.01 -12.65
N LYS C 195 -29.89 -12.55 -13.91
CA LYS C 195 -29.31 -13.35 -14.98
C LYS C 195 -27.79 -13.32 -14.94
N GLN C 196 -27.22 -12.31 -14.30
CA GLN C 196 -25.76 -12.19 -14.24
C GLN C 196 -25.17 -13.35 -13.44
N ASP C 197 -24.07 -13.90 -13.96
CA ASP C 197 -23.42 -15.03 -13.32
C ASP C 197 -22.55 -14.62 -12.14
N PHE C 198 -22.32 -13.32 -11.95
CA PHE C 198 -21.52 -12.82 -10.85
C PHE C 198 -22.19 -11.60 -10.26
N SER C 199 -22.58 -11.69 -8.99
CA SER C 199 -23.38 -10.66 -8.33
C SER C 199 -22.49 -9.78 -7.47
N ALA C 200 -22.50 -8.48 -7.74
CA ALA C 200 -21.75 -7.51 -6.97
C ALA C 200 -22.39 -6.14 -7.13
N ILE C 201 -22.23 -5.29 -6.12
CA ILE C 201 -22.77 -3.93 -6.12
C ILE C 201 -21.60 -2.96 -6.10
N ASP C 202 -21.54 -2.08 -7.10
CA ASP C 202 -20.49 -1.09 -7.19
C ASP C 202 -20.76 0.02 -6.15
N TYR C 203 -19.69 0.65 -5.70
CA TYR C 203 -19.84 1.77 -4.78
C TYR C 203 -18.69 2.74 -4.97
N LEU C 204 -18.91 3.98 -4.54
CA LEU C 204 -17.98 5.07 -4.74
C LEU C 204 -17.98 5.96 -3.50
N LEU C 205 -16.85 6.64 -3.27
CA LEU C 205 -16.69 7.50 -2.10
C LEU C 205 -16.30 8.89 -2.52
N PHE C 206 -16.97 9.90 -1.95
CA PHE C 206 -16.57 11.29 -2.12
C PHE C 206 -16.36 11.92 -0.76
N SER C 207 -15.78 13.13 -0.78
CA SER C 207 -15.17 13.69 0.43
C SER C 207 -16.19 13.96 1.53
N SER C 208 -17.26 14.69 1.21
CA SER C 208 -18.21 15.11 2.24
C SER C 208 -19.62 15.06 1.71
N TYR C 209 -20.58 14.92 2.63
CA TYR C 209 -21.99 14.81 2.29
C TYR C 209 -22.67 16.18 2.20
N GLU C 210 -22.40 17.05 3.18
CA GLU C 210 -23.01 18.38 3.18
C GLU C 210 -22.64 19.19 1.94
N ALA C 211 -21.55 18.83 1.26
CA ALA C 211 -21.20 19.49 0.01
C ALA C 211 -22.11 19.04 -1.13
N PHE C 212 -22.51 17.77 -1.13
CA PHE C 212 -23.45 17.30 -2.15
C PHE C 212 -24.88 17.73 -1.86
N LEU C 213 -25.27 17.81 -0.59
CA LEU C 213 -26.67 18.08 -0.27
C LEU C 213 -27.03 19.55 -0.41
N LYS C 214 -26.25 20.44 0.20
CA LYS C 214 -26.69 21.82 0.40
C LYS C 214 -26.27 22.78 -0.72
N SER C 215 -25.05 22.66 -1.23
CA SER C 215 -24.57 23.60 -2.23
C SER C 215 -25.31 23.42 -3.55
N HIS C 216 -25.22 24.44 -4.40
CA HIS C 216 -25.96 24.50 -5.66
C HIS C 216 -25.26 23.73 -6.77
N ASP C 217 -26.06 23.15 -7.65
CA ASP C 217 -25.56 22.39 -8.81
C ASP C 217 -24.58 21.31 -8.39
N GLN C 218 -25.05 20.41 -7.51
CA GLN C 218 -24.29 19.22 -7.16
C GLN C 218 -24.69 18.00 -7.97
N VAL C 219 -25.76 18.10 -8.76
CA VAL C 219 -26.09 17.05 -9.70
C VAL C 219 -24.92 16.83 -10.66
N LYS C 220 -24.29 17.92 -11.10
CA LYS C 220 -23.07 17.81 -11.88
C LYS C 220 -21.86 17.50 -11.01
N PHE C 221 -21.94 17.74 -9.70
CA PHE C 221 -20.88 17.28 -8.81
C PHE C 221 -20.80 15.78 -8.78
N MET C 222 -21.93 15.08 -8.90
CA MET C 222 -21.87 13.63 -8.99
C MET C 222 -21.06 13.19 -10.21
N GLN C 223 -21.32 13.81 -11.37
CA GLN C 223 -20.55 13.49 -12.56
C GLN C 223 -19.07 13.82 -12.37
N ASP C 224 -18.79 14.97 -11.75
CA ASP C 224 -17.41 15.36 -11.50
C ASP C 224 -16.69 14.32 -10.64
N CYS C 225 -17.33 13.92 -9.53
CA CYS C 225 -16.69 12.98 -8.62
C CYS C 225 -16.51 11.62 -9.26
N GLU C 226 -17.51 11.15 -10.02
CA GLU C 226 -17.39 9.81 -10.59
C GLU C 226 -16.41 9.80 -11.76
N SER C 227 -16.21 10.94 -12.42
CA SER C 227 -15.13 11.02 -13.40
C SER C 227 -13.78 11.26 -12.74
N SER C 228 -13.77 11.66 -11.47
CA SER C 228 -12.52 11.85 -10.73
C SER C 228 -12.24 10.67 -9.80
N PHE C 229 -13.17 10.35 -8.91
CA PHE C 229 -12.97 9.25 -7.97
C PHE C 229 -13.06 7.91 -8.69
N SER C 230 -12.52 6.89 -8.04
CA SER C 230 -12.53 5.52 -8.56
C SER C 230 -13.52 4.68 -7.78
N SER C 231 -14.31 3.88 -8.49
CA SER C 231 -15.33 3.04 -7.89
C SER C 231 -14.92 1.58 -7.99
N TRP C 232 -15.03 0.87 -6.87
CA TRP C 232 -14.70 -0.56 -6.80
C TRP C 232 -15.88 -1.31 -6.20
N LYS C 233 -16.29 -2.39 -6.85
CA LYS C 233 -17.45 -3.14 -6.44
C LYS C 233 -17.10 -4.06 -5.27
N PHE C 234 -18.11 -4.36 -4.45
CA PHE C 234 -17.94 -5.30 -3.35
C PHE C 234 -18.68 -6.59 -3.65
N SER C 235 -18.10 -7.70 -3.19
CA SER C 235 -18.60 -9.02 -3.51
C SER C 235 -19.98 -9.23 -2.87
N GLY C 236 -20.79 -10.05 -3.55
CA GLY C 236 -22.15 -10.33 -3.13
C GLY C 236 -22.26 -11.73 -2.55
N GLY C 237 -22.75 -11.81 -1.32
CA GLY C 237 -22.91 -13.07 -0.61
C GLY C 237 -22.30 -13.07 0.77
N PHE C 238 -21.21 -12.35 0.99
CA PHE C 238 -20.59 -12.29 2.30
C PHE C 238 -20.18 -10.86 2.59
N ARG C 239 -19.96 -10.58 3.88
CA ARG C 239 -19.63 -9.22 4.30
C ARG C 239 -18.31 -8.78 3.68
N THR C 240 -18.20 -7.46 3.46
CA THR C 240 -16.95 -6.83 3.03
C THR C 240 -16.69 -5.69 4.00
N TRP C 241 -16.03 -5.99 5.12
CA TRP C 241 -15.71 -4.96 6.11
C TRP C 241 -14.71 -3.99 5.51
N VAL C 242 -15.15 -2.76 5.27
CA VAL C 242 -14.34 -1.73 4.62
C VAL C 242 -13.78 -0.81 5.68
N LYS C 243 -12.46 -0.61 5.67
CA LYS C 243 -11.80 0.35 6.54
C LYS C 243 -11.14 1.39 5.67
N MET C 244 -11.74 2.58 5.58
CA MET C 244 -11.25 3.62 4.69
C MET C 244 -10.36 4.61 5.44
N SER C 245 -9.59 5.37 4.68
CA SER C 245 -8.77 6.42 5.23
C SER C 245 -8.68 7.55 4.22
N LEU C 246 -8.38 8.75 4.71
CA LEU C 246 -8.34 9.94 3.88
C LEU C 246 -6.88 10.37 3.72
N VAL C 247 -6.46 10.57 2.48
CA VAL C 247 -5.12 11.06 2.17
C VAL C 247 -5.28 12.37 1.42
N LYS C 248 -4.70 13.43 1.97
CA LYS C 248 -4.85 14.79 1.44
C LYS C 248 -3.50 15.29 0.99
N THR C 249 -3.27 15.29 -0.32
CA THR C 249 -2.06 15.87 -0.90
C THR C 249 -2.36 17.27 -1.40
N LYS C 250 -1.37 18.15 -1.32
CA LYS C 250 -1.54 19.56 -1.66
C LYS C 250 -0.54 19.93 -2.75
N GLU C 251 -1.06 20.08 -3.98
CA GLU C 251 -0.23 20.52 -5.09
C GLU C 251 0.17 21.99 -4.92
N GLU C 252 1.21 22.37 -5.64
CA GLU C 252 1.82 23.69 -5.46
C GLU C 252 1.09 24.79 -6.21
N ASP C 253 0.19 24.47 -7.15
CA ASP C 253 -0.50 25.50 -7.92
C ASP C 253 -1.83 25.91 -7.26
N GLY C 254 -1.76 26.24 -5.97
CA GLY C 254 -2.90 26.82 -5.28
C GLY C 254 -4.14 25.95 -5.20
N SER C 255 -3.96 24.65 -4.94
CA SER C 255 -5.11 23.75 -4.77
C SER C 255 -4.67 22.52 -3.99
N GLN C 256 -5.65 21.75 -3.54
CA GLN C 256 -5.41 20.55 -2.75
C GLN C 256 -6.23 19.40 -3.33
N SER C 257 -5.76 18.18 -3.07
CA SER C 257 -6.42 16.98 -3.55
C SER C 257 -6.71 16.05 -2.37
N VAL C 258 -7.91 15.48 -2.37
CA VAL C 258 -8.34 14.52 -1.36
C VAL C 258 -8.69 13.22 -2.03
N GLU C 259 -8.06 12.13 -1.61
CA GLU C 259 -8.35 10.81 -2.15
C GLU C 259 -8.46 9.81 -1.02
N PHE C 260 -9.26 8.77 -1.24
CA PHE C 260 -9.55 7.77 -0.22
C PHE C 260 -8.80 6.49 -0.54
N ARG C 261 -8.12 5.95 0.47
CA ARG C 261 -7.48 4.64 0.37
C ARG C 261 -8.16 3.69 1.35
N GLN C 262 -8.56 2.52 0.85
CA GLN C 262 -9.33 1.58 1.65
C GLN C 262 -8.83 0.16 1.39
N GLU C 263 -8.94 -0.68 2.41
CA GLU C 263 -8.70 -2.12 2.29
C GLU C 263 -9.88 -2.87 2.88
N THR C 264 -10.39 -3.85 2.13
CA THR C 264 -11.58 -4.57 2.53
C THR C 264 -11.19 -5.82 3.32
N SER C 265 -12.13 -6.27 4.15
CA SER C 265 -11.97 -7.50 4.93
C SER C 265 -13.25 -8.32 4.78
N VAL C 266 -13.17 -9.40 4.04
CA VAL C 266 -14.35 -10.23 3.75
C VAL C 266 -14.46 -11.33 4.80
N VAL C 267 -15.67 -11.54 5.30
CA VAL C 267 -15.97 -12.59 6.26
C VAL C 267 -17.12 -13.42 5.69
N ASN C 268 -16.94 -14.74 5.67
CA ASN C 268 -17.94 -15.61 5.07
C ASN C 268 -19.25 -15.54 5.84
N PHE C 269 -20.35 -15.56 5.10
CA PHE C 269 -21.70 -15.44 5.65
C PHE C 269 -22.40 -16.79 5.57
N ILE C 270 -22.91 -17.26 6.70
CA ILE C 270 -23.55 -18.56 6.78
C ILE C 270 -25.02 -18.44 6.40
N ASP C 271 -25.45 -19.25 5.44
CA ASP C 271 -26.83 -19.27 4.99
C ASP C 271 -27.65 -20.37 5.64
N ARG C 272 -27.07 -21.09 6.60
CA ARG C 272 -27.80 -22.18 7.25
C ARG C 272 -28.98 -21.69 8.07
N ARG C 273 -29.00 -20.40 8.42
CA ARG C 273 -30.08 -19.88 9.25
C ARG C 273 -31.42 -19.92 8.52
N GLU C 274 -31.44 -19.49 7.26
CA GLU C 274 -32.67 -19.49 6.48
C GLU C 274 -32.81 -20.73 5.61
N THR C 275 -31.74 -21.12 4.92
CA THR C 275 -31.72 -22.28 4.04
C THR C 275 -32.91 -22.32 3.09
N PRO C 276 -33.03 -21.37 2.17
CA PRO C 276 -34.14 -21.37 1.21
C PRO C 276 -33.78 -22.10 -0.07
N ASP C 277 -34.82 -22.53 -0.77
CA ASP C 277 -34.66 -23.13 -2.09
C ASP C 277 -34.63 -22.11 -3.21
N LYS C 278 -34.92 -20.84 -2.92
CA LYS C 278 -34.86 -19.81 -3.94
C LYS C 278 -33.42 -19.42 -4.26
N GLY C 279 -32.56 -19.42 -3.25
CA GLY C 279 -31.16 -19.07 -3.46
C GLY C 279 -30.90 -17.60 -3.73
N ASP C 280 -31.80 -16.71 -3.29
CA ASP C 280 -31.62 -15.29 -3.52
C ASP C 280 -30.42 -14.76 -2.74
N GLN C 281 -29.75 -13.77 -3.32
CA GLN C 281 -28.53 -13.22 -2.75
C GLN C 281 -28.85 -12.28 -1.58
N LEU C 282 -27.92 -12.22 -0.63
CA LEU C 282 -27.98 -11.28 0.47
C LEU C 282 -26.60 -10.68 0.68
N PHE C 283 -26.52 -9.35 0.74
CA PHE C 283 -25.26 -8.64 0.85
C PHE C 283 -25.15 -8.00 2.23
N PHE C 284 -23.91 -7.73 2.65
CA PHE C 284 -23.66 -6.99 3.88
C PHE C 284 -22.38 -6.18 3.70
N VAL C 285 -22.44 -4.91 4.11
CA VAL C 285 -21.29 -4.01 4.03
C VAL C 285 -21.17 -3.27 5.36
N VAL C 286 -19.94 -3.06 5.81
CA VAL C 286 -19.66 -2.30 7.02
C VAL C 286 -18.54 -1.31 6.72
N PHE C 287 -18.82 -0.03 6.95
CA PHE C 287 -17.86 1.04 6.74
C PHE C 287 -17.33 1.55 8.07
N GLU C 288 -16.03 1.78 8.15
CA GLU C 288 -15.42 2.21 9.40
C GLU C 288 -14.12 2.95 9.09
N TRP C 289 -13.81 3.94 9.92
CA TRP C 289 -12.55 4.66 9.81
C TRP C 289 -11.41 3.80 10.33
N LYS C 290 -10.25 3.88 9.68
CA LYS C 290 -9.12 3.05 10.06
C LYS C 290 -8.38 3.64 11.26
N ASP C 291 -7.84 4.85 11.10
CA ASP C 291 -7.14 5.53 12.18
C ASP C 291 -7.50 7.00 12.17
N PRO C 292 -7.46 7.67 13.32
CA PRO C 292 -7.75 9.12 13.34
C PRO C 292 -6.77 9.94 12.52
N TYR C 293 -5.58 9.41 12.26
CA TYR C 293 -4.57 10.18 11.55
C TYR C 293 -4.98 10.43 10.10
N ILE C 294 -4.67 11.62 9.61
CA ILE C 294 -4.81 11.98 8.20
C ILE C 294 -3.41 12.23 7.64
N GLN C 295 -3.06 11.54 6.57
CA GLN C 295 -1.75 11.70 5.96
C GLN C 295 -1.77 12.86 4.98
N GLU C 296 -0.87 13.80 5.17
CA GLU C 296 -0.73 14.96 4.30
C GLU C 296 0.60 14.89 3.56
N ILE C 297 0.55 15.04 2.24
CA ILE C 297 1.71 14.90 1.38
C ILE C 297 1.96 16.23 0.68
N GLN C 298 3.19 16.72 0.77
CA GLN C 298 3.60 17.96 0.12
C GLN C 298 4.84 17.70 -0.74
N ASP C 299 4.82 18.22 -1.96
CA ASP C 299 5.98 18.18 -2.84
C ASP C 299 6.82 19.42 -2.61
N ILE C 300 8.11 19.21 -2.32
CA ILE C 300 9.01 20.28 -1.88
C ILE C 300 10.04 20.53 -2.97
N ILE C 301 10.19 21.79 -3.36
CA ILE C 301 11.28 22.18 -4.25
C ILE C 301 12.57 22.26 -3.43
N THR C 302 13.62 21.64 -3.93
CA THR C 302 14.82 21.42 -3.13
C THR C 302 15.86 22.52 -3.27
N ALA C 303 15.81 23.33 -4.32
CA ALA C 303 16.83 24.35 -4.54
C ALA C 303 16.17 25.68 -4.91
N ASN C 304 16.84 26.77 -4.58
CA ASN C 304 16.37 28.11 -4.87
C ASN C 304 17.51 28.94 -5.41
N PRO C 305 17.23 29.91 -6.28
CA PRO C 305 18.31 30.64 -6.95
C PRO C 305 19.17 31.49 -6.01
N TRP C 306 18.62 31.95 -4.89
CA TRP C 306 19.37 32.86 -4.02
C TRP C 306 20.63 32.20 -3.48
N SER C 307 20.51 30.96 -3.00
CA SER C 307 21.66 30.28 -2.41
C SER C 307 22.77 30.07 -3.43
N MET C 308 22.41 29.61 -4.64
CA MET C 308 23.42 29.31 -5.64
C MET C 308 24.05 30.59 -6.18
N ILE C 309 23.26 31.65 -6.35
CA ILE C 309 23.82 32.90 -6.84
C ILE C 309 24.77 33.50 -5.80
N ALA C 310 24.41 33.41 -4.52
CA ALA C 310 25.31 33.88 -3.47
C ALA C 310 26.59 33.04 -3.42
N LEU C 311 26.47 31.73 -3.60
CA LEU C 311 27.63 30.86 -3.58
C LEU C 311 28.59 31.17 -4.74
N LEU C 312 28.03 31.38 -5.94
CA LEU C 312 28.90 31.67 -7.08
C LEU C 312 29.51 33.07 -6.94
N CYS C 313 28.77 34.02 -6.38
CA CYS C 313 29.36 35.34 -6.13
C CYS C 313 30.52 35.22 -5.14
N SER C 314 30.34 34.41 -4.09
CA SER C 314 31.41 34.22 -3.11
C SER C 314 32.63 33.57 -3.73
N VAL C 315 32.42 32.57 -4.60
CA VAL C 315 33.56 31.91 -5.21
C VAL C 315 34.27 32.85 -6.18
N PHE C 316 33.51 33.69 -6.89
CA PHE C 316 34.13 34.69 -7.75
C PHE C 316 34.96 35.67 -6.93
N LEU C 317 34.42 36.10 -5.79
CA LEU C 317 35.17 37.03 -4.93
C LEU C 317 36.44 36.40 -4.39
N VAL C 318 36.37 35.14 -3.96
CA VAL C 318 37.56 34.51 -3.41
C VAL C 318 38.61 34.27 -4.49
N LEU C 319 38.18 33.94 -5.71
CA LEU C 319 39.15 33.81 -6.80
C LEU C 319 39.75 35.15 -7.18
N PHE C 320 38.97 36.23 -7.09
CA PHE C 320 39.52 37.57 -7.30
C PHE C 320 40.56 37.90 -6.23
N LYS C 321 40.29 37.50 -4.98
CA LYS C 321 41.26 37.69 -3.91
C LYS C 321 42.53 36.90 -4.18
N ALA C 322 42.39 35.67 -4.68
CA ALA C 322 43.55 34.88 -5.04
C ALA C 322 44.36 35.55 -6.15
N ALA C 323 43.68 36.12 -7.14
CA ALA C 323 44.37 36.85 -8.19
C ALA C 323 45.10 38.07 -7.63
N ASP C 324 44.47 38.78 -6.70
CA ASP C 324 45.13 39.90 -6.06
C ASP C 324 46.38 39.45 -5.31
N PHE C 325 46.29 38.30 -4.62
CA PHE C 325 47.46 37.76 -3.92
C PHE C 325 48.57 37.40 -4.91
N ALA C 326 48.21 36.81 -6.04
CA ALA C 326 49.21 36.47 -7.05
C ALA C 326 49.87 37.73 -7.60
N LYS C 327 49.08 38.79 -7.79
CA LYS C 327 49.65 40.07 -8.20
C LYS C 327 50.61 40.62 -7.14
N LEU C 328 50.23 40.48 -5.87
CA LEU C 328 51.12 40.90 -4.78
C LEU C 328 52.42 40.11 -4.81
N SER C 329 52.35 38.82 -5.14
CA SER C 329 53.54 37.99 -5.24
C SER C 329 54.42 38.41 -6.41
#